data_5AFL
#
_entry.id   5AFL
#
_cell.length_a   85.808
_cell.length_b   112.300
_cell.length_c   143.720
_cell.angle_alpha   90.00
_cell.angle_beta   90.00
_cell.angle_gamma   90.00
#
_symmetry.space_group_name_H-M   'P 21 21 21'
#
loop_
_entity.id
_entity.type
_entity.pdbx_description
1 polymer 'ACETYLCHOLINE-BINDING PROTEIN, NEURONAL ACETYLCHOLINE RECEPTOR SUBUNIT ALPHA-7'
2 branched beta-D-mannopyranose-(1-3)-beta-D-mannopyranose-(1-4)-2-acetamido-2-deoxy-beta-D-glucopyranose-(1-4)-2-acetamido-2-deoxy-beta-D-glucopyranose
3 branched 2-acetamido-2-deoxy-beta-D-glucopyranose-(1-4)-2-acetamido-2-deoxy-beta-D-glucopyranose
4 non-polymer Alpha-Lobeline
5 non-polymer GLYCEROL
6 non-polymer 'L(+)-TARTARIC ACID'
7 non-polymer N-(3-METHYLPHENYL)PYRROLIDINE-1-CARBOXAMIDE
8 water water
#
_entity_poly.entity_id   1
_entity_poly.type   'polypeptide(L)'
_entity_poly.pdbx_seq_one_letter_code
;GEFQRKLYKELVKNYNPDVIPTQRDRPVTVYFSLSLLQIMDVDEKNQVVDVVFWLQMSWTDHYLQWNVSEYPGVKQVSVP
ISSLWVPDLAAYNAISKPEVLTPQLALVNSSGHVQYLPSIRQRFSCDVSGVDTESGATCKLKFGSWTHHSRELDLQMQEA
DISGYIPYSRFELVGVTQKRSERFYECCKEPYPDVTFTVTFRKKG
;
_entity_poly.pdbx_strand_id   A,B,C,D,E
#
loop_
_chem_comp.id
_chem_comp.type
_chem_comp.name
_chem_comp.formula
BMA D-saccharide, beta linking beta-D-mannopyranose 'C6 H12 O6'
FHV non-polymer N-(3-METHYLPHENYL)PYRROLIDINE-1-CARBOXAMIDE 'C12 H16 N2 O'
GOL non-polymer GLYCEROL 'C3 H8 O3'
L0B non-polymer Alpha-Lobeline 'C22 H27 N O2'
NAG D-saccharide, beta linking 2-acetamido-2-deoxy-beta-D-glucopyranose 'C8 H15 N O6'
TLA non-polymer 'L(+)-TARTARIC ACID' 'C4 H6 O6'
#
# COMPACT_ATOMS: atom_id res chain seq x y z
N GLY A 1 -16.68 -13.76 24.98
CA GLY A 1 -16.76 -13.98 26.41
C GLY A 1 -15.89 -13.02 27.22
N GLU A 2 -16.34 -12.68 28.42
CA GLU A 2 -15.64 -11.74 29.29
C GLU A 2 -14.22 -12.19 29.60
N PHE A 3 -14.05 -13.48 29.83
CA PHE A 3 -12.74 -14.00 30.15
C PHE A 3 -11.71 -13.79 29.04
N GLN A 4 -12.13 -13.92 27.79
CA GLN A 4 -11.22 -13.58 26.69
C GLN A 4 -10.87 -12.10 26.72
N ARG A 5 -11.89 -11.26 26.89
CA ARG A 5 -11.71 -9.81 26.90
C ARG A 5 -10.74 -9.39 27.99
N LYS A 6 -10.85 -10.03 29.15
CA LYS A 6 -9.97 -9.75 30.28
C LYS A 6 -8.56 -10.26 29.97
N LEU A 7 -8.49 -11.44 29.35
CA LEU A 7 -7.21 -12.06 29.00
C LEU A 7 -6.41 -11.21 28.01
N TYR A 8 -7.10 -10.64 27.01
CA TYR A 8 -6.44 -9.77 26.04
C TYR A 8 -5.86 -8.53 26.72
N LYS A 9 -6.57 -8.00 27.69
CA LYS A 9 -6.07 -6.87 28.47
C LYS A 9 -4.74 -7.21 29.14
N GLU A 10 -4.68 -8.36 29.79
CA GLU A 10 -3.48 -8.72 30.55
C GLU A 10 -2.29 -9.07 29.65
N LEU A 11 -2.57 -9.69 28.51
CA LEU A 11 -1.51 -10.10 27.59
C LEU A 11 -0.82 -8.93 26.92
N VAL A 12 -1.50 -7.79 26.84
CA VAL A 12 -0.92 -6.61 26.20
C VAL A 12 -0.22 -5.72 27.24
N LYS A 13 -0.70 -5.79 28.47
CA LYS A 13 -0.09 -5.10 29.62
C LYS A 13 1.38 -5.46 29.69
N ASN A 14 2.24 -4.44 29.78
CA ASN A 14 3.69 -4.65 29.89
C ASN A 14 4.28 -5.53 28.79
N TYR A 15 3.67 -5.51 27.61
CA TYR A 15 4.16 -6.37 26.55
C TYR A 15 4.76 -5.57 25.43
N ASN A 16 5.96 -5.97 25.04
CA ASN A 16 6.67 -5.30 23.99
C ASN A 16 6.94 -6.28 22.85
N PRO A 17 6.30 -6.06 21.71
CA PRO A 17 6.45 -6.98 20.57
C PRO A 17 7.80 -6.87 19.86
N ASP A 18 8.61 -5.89 20.24
CA ASP A 18 9.92 -5.73 19.60
C ASP A 18 10.98 -6.57 20.31
N VAL A 19 10.65 -7.11 21.48
CA VAL A 19 11.62 -7.81 22.31
C VAL A 19 11.52 -9.31 22.19
N ILE A 20 12.56 -9.94 21.66
CA ILE A 20 12.57 -11.39 21.51
C ILE A 20 12.42 -12.00 22.90
N PRO A 21 11.46 -12.93 23.07
CA PRO A 21 11.15 -13.43 24.41
C PRO A 21 12.13 -14.50 24.89
N THR A 22 13.42 -14.21 24.85
CA THR A 22 14.41 -15.08 25.44
C THR A 22 14.27 -15.06 26.95
N GLN A 23 14.75 -16.12 27.58
CA GLN A 23 14.70 -16.19 29.03
C GLN A 23 16.00 -16.74 29.57
N ARG A 24 16.82 -15.83 30.09
CA ARG A 24 18.10 -16.11 30.74
C ARG A 24 18.89 -17.33 30.28
N ASP A 25 19.93 -17.10 29.48
CA ASP A 25 20.83 -18.16 29.02
C ASP A 25 20.11 -19.24 28.21
N ARG A 26 19.03 -18.86 27.54
CA ARG A 26 18.26 -19.80 26.74
C ARG A 26 17.69 -19.11 25.51
N PRO A 27 17.96 -19.66 24.33
CA PRO A 27 17.42 -19.10 23.09
C PRO A 27 15.95 -19.43 22.91
N VAL A 28 15.25 -18.73 22.03
CA VAL A 28 13.88 -19.10 21.68
C VAL A 28 13.93 -20.11 20.54
N THR A 29 13.36 -21.28 20.78
CA THR A 29 13.31 -22.32 19.75
C THR A 29 12.14 -22.05 18.82
N VAL A 30 12.46 -21.81 17.56
CA VAL A 30 11.48 -21.57 16.52
C VAL A 30 11.47 -22.80 15.60
N TYR A 31 10.33 -23.49 15.55
CA TYR A 31 10.16 -24.62 14.62
C TYR A 31 9.62 -24.11 13.31
N PHE A 32 10.18 -24.62 12.21
CA PHE A 32 9.97 -24.03 10.89
C PHE A 32 9.71 -25.09 9.83
N SER A 33 8.65 -24.90 9.07
CA SER A 33 8.25 -25.88 8.06
C SER A 33 7.83 -25.15 6.80
N LEU A 34 8.16 -25.71 5.64
CA LEU A 34 7.66 -25.13 4.39
C LEU A 34 6.96 -26.20 3.56
N SER A 35 5.72 -25.96 3.19
CA SER A 35 5.03 -26.84 2.26
C SER A 35 4.84 -26.16 0.90
N LEU A 36 5.55 -26.65 -0.11
CA LEU A 36 5.36 -26.14 -1.46
C LEU A 36 3.94 -26.40 -1.94
N LEU A 37 3.24 -25.36 -2.41
CA LEU A 37 1.88 -25.54 -2.91
C LEU A 37 1.80 -25.52 -4.44
N GLN A 38 2.45 -24.56 -5.06
CA GLN A 38 2.38 -24.45 -6.51
C GLN A 38 3.60 -23.72 -7.02
N ILE A 39 4.10 -24.17 -8.17
CA ILE A 39 5.09 -23.39 -8.88
C ILE A 39 4.33 -22.62 -9.93
N MET A 40 4.13 -21.33 -9.66
CA MET A 40 3.32 -20.44 -10.45
C MET A 40 3.90 -20.14 -11.83
N ASP A 41 5.22 -20.03 -11.93
CA ASP A 41 5.86 -19.70 -13.20
C ASP A 41 7.38 -19.73 -13.11
N VAL A 42 8.02 -19.84 -14.28
CA VAL A 42 9.47 -19.77 -14.37
C VAL A 42 9.87 -18.75 -15.40
N ASP A 43 10.74 -17.84 -15.00
CA ASP A 43 11.28 -16.86 -15.91
C ASP A 43 12.67 -17.35 -16.32
N GLU A 44 12.78 -17.93 -17.50
CA GLU A 44 14.04 -18.55 -17.93
C GLU A 44 15.05 -17.53 -18.43
N LYS A 45 14.59 -16.32 -18.72
CA LYS A 45 15.48 -15.23 -19.16
C LYS A 45 16.16 -14.56 -17.97
N ASN A 46 15.41 -14.34 -16.89
CA ASN A 46 15.89 -13.59 -15.74
C ASN A 46 16.21 -14.48 -14.55
N GLN A 47 16.06 -15.78 -14.75
CA GLN A 47 16.41 -16.77 -13.73
C GLN A 47 15.61 -16.58 -12.43
N VAL A 48 14.29 -16.72 -12.54
CA VAL A 48 13.39 -16.48 -11.43
C VAL A 48 12.31 -17.57 -11.35
N VAL A 49 12.00 -17.99 -10.14
CA VAL A 49 10.91 -18.92 -9.91
C VAL A 49 9.86 -18.23 -9.04
N ASP A 50 8.59 -18.47 -9.37
CA ASP A 50 7.45 -17.83 -8.66
C ASP A 50 6.69 -18.96 -7.96
N VAL A 51 6.77 -18.99 -6.64
CA VAL A 51 6.19 -20.11 -5.90
C VAL A 51 5.12 -19.67 -4.90
N VAL A 52 4.18 -20.56 -4.63
CA VAL A 52 3.28 -20.37 -3.52
C VAL A 52 3.57 -21.48 -2.52
N PHE A 53 3.77 -21.09 -1.26
CA PHE A 53 4.09 -22.03 -0.21
C PHE A 53 3.41 -21.67 1.10
N TRP A 54 3.24 -22.68 1.94
CA TRP A 54 2.66 -22.53 3.26
C TRP A 54 3.77 -22.65 4.30
N LEU A 55 4.04 -21.57 5.02
CA LEU A 55 5.01 -21.59 6.11
C LEU A 55 4.35 -21.97 7.42
N GLN A 56 5.05 -22.74 8.23
CA GLN A 56 4.61 -23.01 9.59
C GLN A 56 5.70 -22.65 10.58
N MET A 57 5.41 -21.66 11.42
CA MET A 57 6.34 -21.22 12.45
C MET A 57 5.69 -21.34 13.81
N SER A 58 6.44 -21.87 14.76
CA SER A 58 5.93 -21.97 16.10
C SER A 58 7.08 -21.82 17.07
N TRP A 59 6.78 -21.17 18.20
CA TRP A 59 7.76 -20.92 19.24
C TRP A 59 6.98 -20.65 20.51
N THR A 60 7.67 -20.74 21.64
CA THR A 60 7.07 -20.41 22.93
C THR A 60 7.49 -19.01 23.37
N ASP A 61 6.48 -18.15 23.57
CA ASP A 61 6.67 -16.83 24.16
C ASP A 61 6.21 -16.88 25.61
N HIS A 62 7.17 -16.91 26.54
CA HIS A 62 6.85 -17.11 27.95
C HIS A 62 6.13 -15.92 28.58
N TYR A 63 6.07 -14.79 27.88
CA TYR A 63 5.32 -13.64 28.38
C TYR A 63 3.84 -13.71 27.98
N LEU A 64 3.48 -14.73 27.23
CA LEU A 64 2.12 -14.84 26.70
C LEU A 64 1.37 -16.01 27.32
N GLN A 65 1.79 -16.44 28.51
CA GLN A 65 1.12 -17.57 29.14
C GLN A 65 0.19 -17.08 30.24
N TRP A 66 -0.76 -17.93 30.59
CA TRP A 66 -1.75 -17.58 31.61
C TRP A 66 -2.24 -18.83 32.32
N ASN A 67 -2.74 -18.63 33.54
CA ASN A 67 -3.29 -19.73 34.34
C ASN A 67 -4.74 -19.99 33.89
N VAL A 68 -4.99 -21.17 33.33
CA VAL A 68 -6.32 -21.49 32.79
C VAL A 68 -7.41 -21.41 33.85
N SER A 69 -7.05 -21.70 35.09
CA SER A 69 -8.03 -21.65 36.18
C SER A 69 -8.57 -20.23 36.39
N GLU A 70 -7.76 -19.24 36.06
CA GLU A 70 -8.18 -17.84 36.19
C GLU A 70 -9.04 -17.37 35.02
N TYR A 71 -8.85 -17.99 33.86
CA TYR A 71 -9.59 -17.61 32.67
C TYR A 71 -10.30 -18.85 32.13
N PRO A 72 -11.28 -19.37 32.90
CA PRO A 72 -11.87 -20.68 32.62
C PRO A 72 -12.55 -20.75 31.26
N GLY A 73 -12.32 -21.85 30.55
CA GLY A 73 -12.82 -22.01 29.20
C GLY A 73 -11.84 -21.56 28.13
N VAL A 74 -10.96 -20.61 28.47
CA VAL A 74 -10.08 -20.02 27.46
C VAL A 74 -8.77 -20.81 27.34
N LYS A 75 -8.72 -21.70 26.36
CA LYS A 75 -7.58 -22.60 26.19
C LYS A 75 -6.60 -22.10 25.12
N GLN A 76 -7.09 -21.27 24.22
CA GLN A 76 -6.23 -20.64 23.24
C GLN A 76 -6.88 -19.36 22.74
N VAL A 77 -6.10 -18.49 22.11
CA VAL A 77 -6.63 -17.27 21.52
C VAL A 77 -6.02 -16.98 20.16
N SER A 78 -6.76 -16.20 19.39
CA SER A 78 -6.36 -15.86 18.05
C SER A 78 -6.05 -14.36 18.06
N VAL A 79 -4.80 -14.01 17.73
CA VAL A 79 -4.26 -12.66 17.93
C VAL A 79 -3.57 -12.16 16.67
N PRO A 80 -3.79 -10.87 16.32
CA PRO A 80 -3.09 -10.34 15.14
C PRO A 80 -1.58 -10.34 15.38
N ILE A 81 -0.79 -10.67 14.36
CA ILE A 81 0.65 -10.82 14.56
C ILE A 81 1.34 -9.51 14.90
N SER A 82 0.78 -8.40 14.42
CA SER A 82 1.32 -7.08 14.72
C SER A 82 1.41 -6.78 16.22
N SER A 83 0.73 -7.56 17.06
CA SER A 83 0.79 -7.32 18.49
C SER A 83 1.68 -8.32 19.25
N LEU A 84 2.38 -9.15 18.48
CA LEU A 84 3.16 -10.25 19.03
C LEU A 84 4.57 -10.13 18.53
N TRP A 85 5.56 -10.55 19.30
CA TRP A 85 6.89 -10.73 18.72
C TRP A 85 6.82 -11.89 17.73
N VAL A 86 7.36 -11.70 16.53
CA VAL A 86 7.41 -12.76 15.54
C VAL A 86 8.85 -12.90 15.02
N PRO A 87 9.28 -14.14 14.75
CA PRO A 87 10.63 -14.36 14.21
C PRO A 87 10.86 -13.52 12.97
N ASP A 88 12.02 -12.88 12.91
CA ASP A 88 12.35 -12.02 11.79
C ASP A 88 13.06 -12.84 10.71
N LEU A 89 12.38 -13.89 10.23
CA LEU A 89 12.99 -14.73 9.23
C LEU A 89 12.99 -14.02 7.87
N ALA A 90 14.14 -14.04 7.20
CA ALA A 90 14.25 -13.43 5.88
C ALA A 90 14.41 -14.56 4.86
N ALA A 91 13.92 -14.31 3.65
CA ALA A 91 14.12 -15.20 2.54
C ALA A 91 15.37 -14.73 1.81
N TYR A 92 16.47 -15.45 1.96
CA TYR A 92 17.79 -14.93 1.57
C TYR A 92 17.91 -14.58 0.10
N ASN A 93 17.30 -15.38 -0.76
CA ASN A 93 17.48 -15.15 -2.19
C ASN A 93 16.20 -14.71 -2.88
N ALA A 94 15.27 -14.19 -2.09
CA ALA A 94 14.07 -13.53 -2.61
C ALA A 94 14.41 -12.33 -3.47
N ILE A 95 13.68 -12.19 -4.58
CA ILE A 95 13.83 -10.98 -5.39
C ILE A 95 12.54 -10.14 -5.42
N SER A 96 11.56 -10.54 -4.61
CA SER A 96 10.33 -9.76 -4.43
C SER A 96 9.86 -9.86 -2.98
N LYS A 97 9.12 -8.85 -2.52
CA LYS A 97 8.48 -8.89 -1.22
C LYS A 97 7.48 -10.04 -1.16
N PRO A 98 7.32 -10.64 0.01
CA PRO A 98 6.35 -11.74 0.14
C PRO A 98 4.90 -11.21 0.11
N GLU A 99 4.01 -11.84 -0.65
CA GLU A 99 2.59 -11.54 -0.61
C GLU A 99 1.90 -12.55 0.32
N VAL A 100 1.46 -12.09 1.46
CA VAL A 100 0.79 -12.98 2.41
C VAL A 100 -0.69 -13.09 2.06
N LEU A 101 -1.13 -14.32 1.79
CA LEU A 101 -2.44 -14.57 1.19
C LEU A 101 -3.56 -14.78 2.20
N THR A 102 -3.18 -15.06 3.45
CA THR A 102 -4.12 -15.51 4.49
C THR A 102 -4.18 -14.48 5.61
N PRO A 103 -5.17 -14.59 6.53
CA PRO A 103 -5.27 -13.57 7.59
C PRO A 103 -4.03 -13.54 8.49
N GLN A 104 -3.60 -12.35 8.85
CA GLN A 104 -2.36 -12.24 9.61
C GLN A 104 -2.58 -12.43 11.11
N LEU A 105 -3.01 -13.63 11.48
CA LEU A 105 -3.31 -13.99 12.86
C LEU A 105 -2.47 -15.18 13.30
N ALA A 106 -2.16 -15.25 14.59
CA ALA A 106 -1.51 -16.42 15.16
C ALA A 106 -2.35 -17.02 16.28
N LEU A 107 -2.15 -18.32 16.51
CA LEU A 107 -2.77 -19.03 17.61
C LEU A 107 -1.81 -19.09 18.78
N VAL A 108 -2.34 -18.90 19.98
CA VAL A 108 -1.54 -18.90 21.20
C VAL A 108 -2.26 -19.73 22.27
N ASN A 109 -1.63 -20.79 22.77
CA ASN A 109 -2.19 -21.50 23.91
C ASN A 109 -1.70 -20.96 25.25
N SER A 110 -2.21 -21.56 26.32
CA SER A 110 -2.09 -20.98 27.66
C SER A 110 -0.69 -21.14 28.26
N SER A 111 0.18 -21.84 27.57
CA SER A 111 1.57 -21.91 28.00
C SER A 111 2.45 -21.06 27.09
N GLY A 112 1.81 -20.23 26.27
CA GLY A 112 2.54 -19.25 25.51
C GLY A 112 3.05 -19.74 24.18
N HIS A 113 2.63 -20.95 23.79
CA HIS A 113 3.05 -21.48 22.51
C HIS A 113 2.31 -20.83 21.36
N VAL A 114 3.07 -20.27 20.43
CA VAL A 114 2.47 -19.51 19.35
C VAL A 114 2.61 -20.28 18.07
N GLN A 115 1.56 -20.24 17.25
CA GLN A 115 1.65 -20.81 15.94
C GLN A 115 1.20 -19.79 14.92
N TYR A 116 2.04 -19.57 13.93
CA TYR A 116 1.72 -18.61 12.89
C TYR A 116 1.99 -19.30 11.57
N LEU A 117 1.00 -19.27 10.69
CA LEU A 117 0.96 -20.21 9.57
C LEU A 117 0.59 -19.57 8.25
N PRO A 118 1.35 -18.55 7.84
CA PRO A 118 0.92 -17.83 6.65
C PRO A 118 1.07 -18.63 5.36
N SER A 119 0.16 -18.39 4.44
CA SER A 119 0.34 -18.80 3.06
C SER A 119 0.91 -17.65 2.25
N ILE A 120 1.91 -17.94 1.44
CA ILE A 120 2.73 -16.88 0.83
C ILE A 120 3.01 -17.12 -0.65
N ARG A 121 2.84 -16.08 -1.47
CA ARG A 121 3.40 -16.11 -2.81
C ARG A 121 4.66 -15.25 -2.88
N GLN A 122 5.73 -15.77 -3.50
CA GLN A 122 6.99 -15.04 -3.54
C GLN A 122 7.89 -15.48 -4.68
N ARG A 123 8.62 -14.53 -5.25
CA ARG A 123 9.55 -14.86 -6.31
C ARG A 123 10.99 -14.90 -5.80
N PHE A 124 11.72 -15.91 -6.27
CA PHE A 124 13.08 -16.14 -5.83
C PHE A 124 13.99 -16.25 -7.02
N SER A 125 15.24 -15.85 -6.80
CA SER A 125 16.30 -16.07 -7.77
C SER A 125 16.58 -17.56 -7.84
N CYS A 126 16.75 -18.08 -9.04
CA CYS A 126 17.00 -19.50 -9.24
C CYS A 126 17.52 -19.77 -10.65
N ASP A 127 18.47 -20.69 -10.77
CA ASP A 127 18.89 -21.17 -12.08
C ASP A 127 17.81 -22.16 -12.62
N VAL A 128 16.94 -21.71 -13.51
CA VAL A 128 15.86 -22.56 -14.00
C VAL A 128 16.17 -23.19 -15.36
N SER A 129 17.40 -23.03 -15.83
CA SER A 129 17.76 -23.45 -17.18
C SER A 129 17.53 -24.95 -17.45
N GLY A 130 17.50 -25.78 -16.41
CA GLY A 130 17.32 -27.21 -16.59
C GLY A 130 15.88 -27.72 -16.52
N VAL A 131 14.90 -26.82 -16.54
CA VAL A 131 13.50 -27.16 -16.29
C VAL A 131 12.82 -28.07 -17.36
N ASP A 132 13.31 -28.01 -18.59
CA ASP A 132 12.77 -28.83 -19.67
C ASP A 132 13.62 -30.06 -19.94
N THR A 133 14.43 -30.46 -18.96
CA THR A 133 15.22 -31.68 -19.07
C THR A 133 14.76 -32.67 -18.01
N GLU A 134 15.16 -33.93 -18.15
CA GLU A 134 14.70 -34.98 -17.25
C GLU A 134 15.16 -34.78 -15.81
N SER A 135 16.35 -34.22 -15.65
CA SER A 135 16.93 -34.01 -14.34
C SER A 135 16.30 -32.78 -13.68
N GLY A 136 15.71 -31.92 -14.50
CA GLY A 136 14.95 -30.80 -14.00
C GLY A 136 15.79 -29.66 -13.47
N ALA A 137 15.11 -28.61 -13.02
CA ALA A 137 15.77 -27.46 -12.43
C ALA A 137 15.82 -27.62 -10.93
N THR A 138 16.80 -27.00 -10.29
CA THR A 138 16.91 -27.05 -8.85
C THR A 138 16.96 -25.65 -8.26
N CYS A 139 15.96 -25.34 -7.42
CA CYS A 139 15.88 -24.06 -6.76
C CYS A 139 16.11 -24.22 -5.26
N LYS A 140 16.92 -23.34 -4.69
CA LYS A 140 17.09 -23.28 -3.26
C LYS A 140 16.26 -22.13 -2.68
N LEU A 141 15.57 -22.42 -1.59
CA LEU A 141 14.71 -21.45 -0.94
C LEU A 141 15.26 -21.34 0.47
N LYS A 142 16.01 -20.29 0.73
CA LYS A 142 16.82 -20.23 1.94
C LYS A 142 16.29 -19.17 2.90
N PHE A 143 16.07 -19.58 4.14
CA PHE A 143 15.50 -18.72 5.17
C PHE A 143 16.32 -18.71 6.44
N GLY A 144 16.35 -17.56 7.10
CA GLY A 144 16.95 -17.44 8.42
C GLY A 144 16.69 -16.10 9.08
N SER A 145 16.95 -16.05 10.38
CA SER A 145 16.77 -14.83 11.15
C SER A 145 17.76 -13.79 10.62
N TRP A 146 17.25 -12.58 10.39
CA TRP A 146 18.06 -11.51 9.83
C TRP A 146 18.95 -10.85 10.88
N THR A 147 18.52 -10.86 12.14
CA THR A 147 19.23 -10.10 13.18
C THR A 147 19.47 -10.84 14.50
N HIS A 148 18.92 -12.05 14.63
CA HIS A 148 19.16 -12.87 15.82
C HIS A 148 20.05 -14.07 15.52
N HIS A 149 21.12 -14.21 16.28
CA HIS A 149 22.04 -15.33 16.10
C HIS A 149 21.63 -16.55 16.92
N SER A 150 22.39 -17.63 16.76
CA SER A 150 22.11 -18.94 17.35
C SER A 150 21.83 -18.97 18.85
N ARG A 151 22.49 -18.11 19.62
CA ARG A 151 22.24 -18.09 21.06
C ARG A 151 20.96 -17.36 21.45
N GLU A 152 20.30 -16.73 20.48
CA GLU A 152 19.06 -16.02 20.74
C GLU A 152 17.86 -16.70 20.09
N LEU A 153 18.05 -17.16 18.86
CA LEU A 153 16.98 -17.78 18.11
C LEU A 153 17.50 -19.07 17.49
N ASP A 154 17.00 -20.19 18.00
CA ASP A 154 17.35 -21.53 17.51
C ASP A 154 16.31 -22.03 16.48
N LEU A 155 16.71 -22.01 15.20
CA LEU A 155 15.85 -22.44 14.09
C LEU A 155 15.91 -23.96 13.92
N GLN A 156 14.76 -24.62 14.00
CA GLN A 156 14.70 -26.06 13.92
C GLN A 156 13.75 -26.48 12.81
N MET A 157 14.26 -27.32 11.91
CA MET A 157 13.45 -27.81 10.81
C MET A 157 12.41 -28.82 11.29
N GLN A 158 11.28 -28.85 10.61
N GLN A 158 11.28 -28.87 10.60
CA GLN A 158 10.30 -29.93 10.78
CA GLN A 158 10.33 -29.95 10.78
C GLN A 158 10.34 -30.78 9.51
C GLN A 158 10.35 -30.80 9.52
N GLU A 159 9.48 -31.79 9.44
CA GLU A 159 9.45 -32.70 8.30
C GLU A 159 9.20 -31.99 6.97
N ALA A 160 9.95 -32.42 5.95
CA ALA A 160 9.64 -32.09 4.56
C ALA A 160 8.21 -32.53 4.21
N ASP A 161 7.48 -31.68 3.48
CA ASP A 161 6.08 -31.93 3.21
C ASP A 161 5.75 -31.49 1.78
N ILE A 162 5.50 -32.44 0.90
CA ILE A 162 5.04 -32.10 -0.44
C ILE A 162 3.59 -32.51 -0.72
N SER A 163 2.84 -32.84 0.33
CA SER A 163 1.50 -33.38 0.16
C SER A 163 0.55 -32.31 -0.42
N GLY A 164 0.85 -31.05 -0.13
CA GLY A 164 0.04 -29.95 -0.61
C GLY A 164 0.30 -29.53 -2.05
N TYR A 165 1.23 -30.17 -2.73
CA TYR A 165 1.54 -29.74 -4.09
C TYR A 165 0.36 -30.02 -5.01
N ILE A 166 -0.16 -28.99 -5.69
CA ILE A 166 -1.31 -29.22 -6.57
C ILE A 166 -0.91 -30.19 -7.67
N PRO A 167 -1.82 -31.11 -8.03
CA PRO A 167 -1.45 -32.18 -8.97
C PRO A 167 -1.57 -31.75 -10.42
N TYR A 168 -2.23 -30.63 -10.69
CA TYR A 168 -2.54 -30.25 -12.07
C TYR A 168 -1.61 -29.16 -12.62
N SER A 169 -0.51 -28.89 -11.93
CA SER A 169 0.51 -27.96 -12.40
C SER A 169 1.20 -28.46 -13.66
N ARG A 170 1.78 -27.56 -14.45
CA ARG A 170 2.55 -28.01 -15.61
C ARG A 170 3.95 -28.44 -15.16
N PHE A 171 4.23 -28.29 -13.86
CA PHE A 171 5.52 -28.69 -13.32
C PHE A 171 5.39 -29.90 -12.43
N GLU A 172 6.13 -30.96 -12.80
CA GLU A 172 6.24 -32.14 -11.96
C GLU A 172 7.23 -31.89 -10.85
N LEU A 173 6.78 -32.03 -9.61
CA LEU A 173 7.64 -31.89 -8.45
C LEU A 173 8.41 -33.18 -8.23
N VAL A 174 9.68 -33.21 -8.66
CA VAL A 174 10.50 -34.39 -8.46
C VAL A 174 10.75 -34.66 -6.99
N GLY A 175 11.50 -33.78 -6.34
CA GLY A 175 11.78 -33.92 -4.92
C GLY A 175 11.99 -32.60 -4.20
N VAL A 176 11.81 -32.64 -2.88
CA VAL A 176 12.18 -31.54 -2.01
C VAL A 176 13.06 -32.03 -0.85
N THR A 177 14.28 -31.51 -0.76
CA THR A 177 15.11 -31.80 0.41
C THR A 177 15.36 -30.57 1.26
N GLN A 178 15.84 -30.78 2.47
CA GLN A 178 16.15 -29.68 3.37
C GLN A 178 17.44 -29.87 4.14
N LYS A 179 18.06 -28.75 4.50
CA LYS A 179 19.20 -28.79 5.41
C LYS A 179 19.31 -27.54 6.28
N ARG A 180 19.71 -27.76 7.52
CA ARG A 180 19.90 -26.70 8.48
C ARG A 180 21.39 -26.43 8.61
N SER A 181 21.82 -25.23 8.25
CA SER A 181 23.22 -24.86 8.39
C SER A 181 23.37 -23.83 9.49
N GLU A 182 24.56 -23.78 10.08
CA GLU A 182 24.84 -22.82 11.11
C GLU A 182 26.10 -22.12 10.64
N ARG A 183 25.92 -21.00 9.95
CA ARG A 183 27.09 -20.37 9.33
C ARG A 183 27.55 -19.09 10.03
N PHE A 184 28.85 -18.86 9.96
CA PHE A 184 29.47 -17.68 10.55
C PHE A 184 29.66 -16.65 9.46
N TYR A 185 29.69 -15.38 9.84
CA TYR A 185 29.94 -14.33 8.87
C TYR A 185 31.16 -13.53 9.29
N GLU A 186 31.88 -13.00 8.30
CA GLU A 186 33.07 -12.23 8.55
C GLU A 186 32.70 -10.89 9.18
N CYS A 187 32.21 -10.95 10.42
CA CYS A 187 31.65 -9.78 11.10
C CYS A 187 31.39 -10.10 12.56
N CYS A 188 30.82 -11.28 12.81
CA CYS A 188 30.29 -11.61 14.13
C CYS A 188 30.90 -12.90 14.68
N LYS A 189 31.02 -12.99 16.00
CA LYS A 189 31.58 -14.19 16.61
C LYS A 189 30.55 -15.32 16.64
N GLU A 190 29.27 -14.94 16.67
CA GLU A 190 28.18 -15.91 16.76
C GLU A 190 27.64 -16.26 15.40
N PRO A 191 27.36 -17.57 15.19
CA PRO A 191 26.76 -18.06 13.93
C PRO A 191 25.28 -17.71 13.82
N TYR A 192 24.77 -17.71 12.60
CA TYR A 192 23.37 -17.48 12.31
C TYR A 192 22.77 -18.69 11.56
N PRO A 193 21.87 -19.43 12.20
CA PRO A 193 21.31 -20.61 11.52
C PRO A 193 20.39 -20.23 10.38
N ASP A 194 20.41 -21.04 9.33
CA ASP A 194 19.46 -20.89 8.25
C ASP A 194 18.97 -22.25 7.76
N VAL A 195 17.73 -22.29 7.30
CA VAL A 195 17.12 -23.49 6.76
C VAL A 195 16.94 -23.39 5.24
N THR A 196 17.50 -24.33 4.50
CA THR A 196 17.40 -24.32 3.04
C THR A 196 16.52 -25.47 2.52
N PHE A 197 15.50 -25.12 1.74
CA PHE A 197 14.68 -26.12 1.08
C PHE A 197 15.03 -26.20 -0.38
N THR A 198 15.42 -27.39 -0.81
CA THR A 198 15.85 -27.59 -2.18
C THR A 198 14.74 -28.33 -2.91
N VAL A 199 14.19 -27.70 -3.93
CA VAL A 199 13.16 -28.36 -4.73
C VAL A 199 13.61 -28.56 -6.18
N THR A 200 13.41 -29.77 -6.67
CA THR A 200 13.75 -30.12 -8.04
C THR A 200 12.47 -30.37 -8.82
N PHE A 201 12.34 -29.69 -9.96
CA PHE A 201 11.11 -29.73 -10.74
C PHE A 201 11.43 -29.66 -12.23
N ARG A 202 10.48 -30.14 -13.04
CA ARG A 202 10.66 -30.12 -14.48
C ARG A 202 9.30 -30.01 -15.17
N LYS A 203 9.30 -29.46 -16.38
CA LYS A 203 8.08 -29.35 -17.17
C LYS A 203 7.55 -30.73 -17.50
N LYS A 204 6.26 -30.97 -17.24
CA LYS A 204 5.63 -32.23 -17.59
C LYS A 204 5.62 -32.44 -19.10
N GLY A 205 5.61 -33.69 -19.54
CA GLY A 205 5.56 -34.00 -20.95
C GLY A 205 6.83 -34.64 -21.48
N GLY B 1 17.29 -11.46 30.80
CA GLY B 1 15.86 -11.74 30.92
C GLY B 1 15.01 -10.53 30.62
N GLU B 2 14.33 -10.01 31.64
CA GLU B 2 13.47 -8.85 31.49
C GLU B 2 14.27 -7.56 31.33
N PHE B 3 15.59 -7.66 31.42
CA PHE B 3 16.47 -6.50 31.29
C PHE B 3 16.35 -5.90 29.91
N GLN B 4 16.10 -6.75 28.91
CA GLN B 4 15.97 -6.28 27.55
C GLN B 4 14.68 -5.48 27.44
N ARG B 5 13.64 -5.92 28.13
CA ARG B 5 12.37 -5.20 28.16
C ARG B 5 12.64 -3.84 28.81
N LYS B 6 13.36 -3.87 29.92
CA LYS B 6 13.71 -2.68 30.67
C LYS B 6 14.54 -1.71 29.82
N LEU B 7 15.44 -2.25 29.01
CA LEU B 7 16.32 -1.43 28.19
C LEU B 7 15.61 -0.73 27.03
N TYR B 8 14.73 -1.45 26.32
CA TYR B 8 13.98 -0.85 25.23
C TYR B 8 13.18 0.33 25.75
N LYS B 9 12.63 0.17 26.95
CA LYS B 9 11.84 1.21 27.60
C LYS B 9 12.67 2.50 27.80
N GLU B 10 13.83 2.37 28.43
CA GLU B 10 14.70 3.52 28.66
C GLU B 10 15.24 4.16 27.37
N LEU B 11 15.48 3.33 26.36
CA LEU B 11 16.05 3.82 25.11
C LEU B 11 15.07 4.67 24.33
N VAL B 12 13.78 4.36 24.42
CA VAL B 12 12.76 5.06 23.67
C VAL B 12 12.44 6.38 24.37
N LYS B 13 12.81 6.44 25.64
CA LYS B 13 12.54 7.58 26.51
C LYS B 13 13.29 8.80 26.00
N ASN B 14 12.54 9.82 25.62
CA ASN B 14 13.09 11.07 25.11
C ASN B 14 13.93 10.89 23.87
N TYR B 15 13.52 9.99 22.99
CA TYR B 15 14.26 9.80 21.76
C TYR B 15 13.39 10.21 20.57
N ASN B 16 13.98 10.91 19.62
CA ASN B 16 13.24 11.32 18.43
C ASN B 16 13.95 10.82 17.17
N PRO B 17 13.31 9.89 16.46
CA PRO B 17 13.87 9.24 15.28
C PRO B 17 13.87 10.13 14.03
N ASP B 18 13.23 11.30 14.10
CA ASP B 18 13.27 12.28 13.02
C ASP B 18 14.52 13.17 13.12
N VAL B 19 15.21 13.11 14.26
CA VAL B 19 16.32 14.01 14.54
C VAL B 19 17.69 13.32 14.44
N ILE B 20 18.50 13.78 13.48
CA ILE B 20 19.85 13.24 13.29
C ILE B 20 20.68 13.39 14.59
N PRO B 21 21.27 12.29 15.06
CA PRO B 21 21.95 12.31 16.36
C PRO B 21 23.35 12.95 16.31
N THR B 22 23.43 14.15 15.74
CA THR B 22 24.69 14.86 15.83
C THR B 22 24.92 15.17 17.29
N GLN B 23 26.19 15.23 17.67
CA GLN B 23 26.57 15.60 19.02
C GLN B 23 27.51 16.78 18.89
N ARG B 24 27.11 17.91 19.48
CA ARG B 24 27.85 19.18 19.43
C ARG B 24 28.92 19.35 18.33
N ASP B 25 28.47 19.80 17.16
CA ASP B 25 29.34 20.18 16.04
C ASP B 25 29.93 18.99 15.27
N ARG B 26 29.94 17.81 15.89
CA ARG B 26 30.49 16.63 15.26
C ARG B 26 29.45 15.94 14.37
N PRO B 27 29.76 15.80 13.07
CA PRO B 27 28.81 15.10 12.18
C PRO B 27 28.68 13.63 12.55
N VAL B 28 27.53 13.06 12.25
CA VAL B 28 27.38 11.63 12.36
C VAL B 28 28.09 11.00 11.17
N THR B 29 29.11 10.20 11.42
CA THR B 29 29.76 9.48 10.33
C THR B 29 28.93 8.25 9.94
N VAL B 30 28.58 8.16 8.66
CA VAL B 30 27.84 7.03 8.14
C VAL B 30 28.65 6.22 7.11
N TYR B 31 29.00 5.00 7.48
CA TYR B 31 29.75 4.12 6.58
C TYR B 31 28.79 3.36 5.69
N PHE B 32 29.16 3.23 4.42
CA PHE B 32 28.22 2.84 3.40
C PHE B 32 28.87 1.97 2.36
N SER B 33 28.20 0.88 2.01
CA SER B 33 28.68 -0.03 0.97
C SER B 33 27.51 -0.68 0.25
N LEU B 34 27.75 -1.01 -1.02
CA LEU B 34 26.77 -1.71 -1.83
C LEU B 34 27.39 -3.00 -2.34
N SER B 35 26.62 -4.08 -2.35
CA SER B 35 27.02 -5.37 -2.92
C SER B 35 25.99 -5.79 -3.96
N LEU B 36 26.44 -5.98 -5.19
CA LEU B 36 25.55 -6.34 -6.27
C LEU B 36 25.19 -7.83 -6.18
N LEU B 37 23.91 -8.15 -6.03
CA LEU B 37 23.46 -9.54 -6.02
C LEU B 37 23.05 -10.01 -7.42
N GLN B 38 22.25 -9.22 -8.12
CA GLN B 38 21.71 -9.65 -9.41
C GLN B 38 21.26 -8.50 -10.29
N ILE B 39 21.59 -8.58 -11.57
CA ILE B 39 21.01 -7.69 -12.55
C ILE B 39 19.84 -8.42 -13.15
N MET B 40 18.63 -7.98 -12.81
CA MET B 40 17.40 -8.68 -13.14
C MET B 40 17.00 -8.47 -14.59
N ASP B 41 17.34 -7.33 -15.16
CA ASP B 41 16.85 -6.98 -16.49
C ASP B 41 17.46 -5.67 -16.99
N VAL B 42 17.50 -5.51 -18.31
CA VAL B 42 17.80 -4.21 -18.91
C VAL B 42 16.67 -3.85 -19.87
N ASP B 43 16.40 -2.57 -19.98
CA ASP B 43 15.41 -2.08 -20.94
C ASP B 43 16.15 -1.18 -21.92
N GLU B 44 16.47 -1.72 -23.09
CA GLU B 44 17.30 -1.01 -24.03
C GLU B 44 16.53 0.10 -24.71
N LYS B 45 15.20 0.00 -24.70
CA LYS B 45 14.35 1.02 -25.30
C LYS B 45 14.22 2.25 -24.39
N ASN B 46 13.99 2.00 -23.11
CA ASN B 46 13.70 3.07 -22.18
C ASN B 46 14.89 3.50 -21.33
N GLN B 47 16.02 2.81 -21.52
CA GLN B 47 17.27 3.10 -20.82
C GLN B 47 17.16 2.97 -19.32
N VAL B 48 17.06 1.73 -18.87
CA VAL B 48 16.78 1.41 -17.48
C VAL B 48 17.45 0.08 -17.12
N VAL B 49 18.05 0.02 -15.94
CA VAL B 49 18.59 -1.23 -15.42
C VAL B 49 17.90 -1.57 -14.10
N ASP B 50 17.52 -2.84 -13.95
CA ASP B 50 16.77 -3.35 -12.80
C ASP B 50 17.70 -4.21 -11.96
N VAL B 51 17.97 -3.79 -10.73
CA VAL B 51 18.98 -4.49 -9.92
C VAL B 51 18.55 -4.83 -8.50
N VAL B 52 19.10 -5.92 -7.99
CA VAL B 52 18.96 -6.31 -6.59
C VAL B 52 20.34 -6.21 -5.94
N PHE B 53 20.39 -5.49 -4.84
CA PHE B 53 21.63 -5.30 -4.12
C PHE B 53 21.35 -5.30 -2.64
N TRP B 54 22.42 -5.48 -1.88
CA TRP B 54 22.41 -5.46 -0.43
C TRP B 54 23.15 -4.17 0.02
N LEU B 55 22.50 -3.30 0.79
CA LEU B 55 23.21 -2.11 1.33
C LEU B 55 23.78 -2.38 2.71
N GLN B 56 24.91 -1.75 3.00
CA GLN B 56 25.50 -1.82 4.32
C GLN B 56 25.59 -0.38 4.84
N MET B 57 24.82 -0.06 5.86
CA MET B 57 24.83 1.28 6.41
C MET B 57 25.09 1.17 7.88
N SER B 58 26.14 1.83 8.37
CA SER B 58 26.42 1.78 9.78
C SER B 58 26.92 3.11 10.29
N TRP B 59 26.59 3.41 11.54
CA TRP B 59 26.90 4.70 12.15
C TRP B 59 26.74 4.56 13.65
N THR B 60 27.18 5.58 14.37
CA THR B 60 27.09 5.60 15.81
C THR B 60 25.98 6.56 16.24
N ASP B 61 25.11 6.10 17.13
CA ASP B 61 24.05 6.91 17.69
C ASP B 61 24.30 6.99 19.20
N HIS B 62 24.74 8.16 19.67
CA HIS B 62 25.17 8.29 21.06
C HIS B 62 24.00 8.23 22.04
N TYR B 63 22.78 8.47 21.55
CA TYR B 63 21.60 8.40 22.41
C TYR B 63 21.19 6.97 22.68
N LEU B 64 21.72 6.03 21.90
CA LEU B 64 21.32 4.64 22.02
C LEU B 64 22.38 3.80 22.70
N GLN B 65 23.12 4.39 23.63
CA GLN B 65 24.12 3.60 24.32
C GLN B 65 23.70 3.35 25.77
N TRP B 66 24.26 2.31 26.38
CA TRP B 66 23.86 1.92 27.73
C TRP B 66 25.00 1.22 28.46
N ASN B 67 25.03 1.36 29.78
CA ASN B 67 26.00 0.66 30.60
C ASN B 67 25.62 -0.80 30.70
N VAL B 68 26.47 -1.64 30.12
CA VAL B 68 26.21 -3.07 30.01
C VAL B 68 25.99 -3.73 31.38
N SER B 69 26.57 -3.14 32.43
CA SER B 69 26.50 -3.71 33.76
C SER B 69 25.15 -3.46 34.44
N GLU B 70 24.35 -2.57 33.85
CA GLU B 70 23.00 -2.29 34.35
C GLU B 70 21.98 -3.20 33.67
N TYR B 71 22.37 -3.75 32.52
CA TYR B 71 21.55 -4.72 31.81
C TYR B 71 22.40 -5.92 31.45
N PRO B 72 22.70 -6.77 32.46
CA PRO B 72 23.56 -7.95 32.31
C PRO B 72 23.11 -8.88 31.19
N GLY B 73 24.03 -9.21 30.30
CA GLY B 73 23.74 -10.10 29.20
C GLY B 73 23.38 -9.38 27.92
N VAL B 74 22.78 -8.20 28.06
CA VAL B 74 22.34 -7.43 26.90
C VAL B 74 23.51 -6.71 26.23
N LYS B 75 24.04 -7.30 25.17
CA LYS B 75 25.17 -6.72 24.46
C LYS B 75 24.71 -6.04 23.18
N GLN B 76 23.60 -6.52 22.64
CA GLN B 76 23.02 -5.88 21.47
C GLN B 76 21.52 -6.11 21.42
N VAL B 77 20.84 -5.24 20.67
CA VAL B 77 19.40 -5.34 20.54
C VAL B 77 18.98 -5.14 19.10
N SER B 78 17.85 -5.74 18.76
CA SER B 78 17.30 -5.71 17.42
C SER B 78 16.08 -4.79 17.45
N VAL B 79 16.07 -3.79 16.57
CA VAL B 79 15.15 -2.66 16.66
C VAL B 79 14.56 -2.30 15.29
N PRO B 80 13.23 -2.14 15.21
CA PRO B 80 12.60 -1.69 13.96
C PRO B 80 13.05 -0.28 13.64
N ILE B 81 13.33 -0.02 12.36
CA ILE B 81 13.93 1.25 11.93
C ILE B 81 12.98 2.45 12.10
N SER B 82 11.67 2.22 12.11
CA SER B 82 10.72 3.29 12.36
C SER B 82 10.93 3.89 13.74
N SER B 83 11.52 3.12 14.65
CA SER B 83 11.75 3.64 15.98
C SER B 83 13.13 4.32 16.18
N LEU B 84 14.02 4.27 15.22
CA LEU B 84 15.24 5.04 15.39
C LEU B 84 15.57 5.89 14.18
N TRP B 85 16.45 6.88 14.36
CA TRP B 85 16.97 7.66 13.23
C TRP B 85 17.79 6.77 12.31
N VAL B 86 17.50 6.83 11.02
CA VAL B 86 18.28 6.15 10.01
C VAL B 86 18.59 7.18 8.93
N PRO B 87 19.73 7.00 8.25
CA PRO B 87 20.15 7.96 7.21
C PRO B 87 19.17 8.02 6.05
N ASP B 88 18.83 9.23 5.62
CA ASP B 88 17.90 9.40 4.51
C ASP B 88 18.60 9.25 3.15
N LEU B 89 19.36 8.17 2.95
CA LEU B 89 20.09 8.01 1.68
C LEU B 89 19.13 7.84 0.52
N ALA B 90 19.47 8.39 -0.63
CA ALA B 90 18.64 8.23 -1.79
C ALA B 90 19.48 7.92 -3.00
N ALA B 91 18.95 7.05 -3.85
CA ALA B 91 19.55 6.81 -5.15
C ALA B 91 19.17 7.99 -6.02
N TYR B 92 20.18 8.75 -6.44
CA TYR B 92 19.98 10.00 -7.18
C TYR B 92 19.34 9.77 -8.55
N ASN B 93 19.69 8.66 -9.19
CA ASN B 93 19.18 8.41 -10.51
C ASN B 93 18.23 7.19 -10.59
N ALA B 94 17.55 6.89 -9.49
CA ALA B 94 16.52 5.85 -9.49
C ALA B 94 15.28 6.29 -10.27
N ILE B 95 14.62 5.36 -10.94
CA ILE B 95 13.35 5.66 -11.59
C ILE B 95 12.20 4.85 -10.98
N SER B 96 12.47 4.19 -9.87
CA SER B 96 11.40 3.47 -9.15
C SER B 96 11.66 3.60 -7.66
N LYS B 97 10.61 3.39 -6.86
CA LYS B 97 10.75 3.32 -5.40
C LYS B 97 11.58 2.10 -5.03
N PRO B 98 12.41 2.20 -3.98
CA PRO B 98 13.15 0.99 -3.60
C PRO B 98 12.21 -0.02 -2.99
N GLU B 99 12.37 -1.29 -3.33
CA GLU B 99 11.58 -2.34 -2.74
C GLU B 99 12.47 -3.07 -1.72
N VAL B 100 12.26 -2.81 -0.44
CA VAL B 100 13.06 -3.47 0.59
C VAL B 100 12.66 -4.93 0.76
N LEU B 101 13.62 -5.83 0.59
CA LEU B 101 13.35 -7.27 0.55
C LEU B 101 13.47 -7.96 1.92
N THR B 102 14.04 -7.26 2.89
CA THR B 102 14.43 -7.89 4.14
C THR B 102 13.68 -7.23 5.28
N PRO B 103 13.66 -7.87 6.46
CA PRO B 103 12.97 -7.26 7.60
C PRO B 103 13.58 -5.90 7.96
N GLN B 104 12.73 -4.91 8.21
CA GLN B 104 13.19 -3.55 8.47
C GLN B 104 13.69 -3.37 9.91
N LEU B 105 14.78 -4.05 10.22
CA LEU B 105 15.31 -4.00 11.57
C LEU B 105 16.77 -3.62 11.50
N ALA B 106 17.26 -2.95 12.54
CA ALA B 106 18.67 -2.59 12.66
C ALA B 106 19.20 -3.19 13.96
N LEU B 107 20.49 -3.56 13.95
CA LEU B 107 21.20 -4.02 15.16
C LEU B 107 21.91 -2.85 15.82
N VAL B 108 21.83 -2.79 17.16
CA VAL B 108 22.46 -1.72 17.94
C VAL B 108 23.19 -2.34 19.11
N ASN B 109 24.50 -2.08 19.23
CA ASN B 109 25.22 -2.55 20.41
C ASN B 109 25.23 -1.52 21.53
N SER B 110 25.79 -1.90 22.68
CA SER B 110 25.77 -1.09 23.89
C SER B 110 26.49 0.27 23.79
N SER B 111 27.38 0.42 22.82
CA SER B 111 28.08 1.69 22.64
C SER B 111 27.40 2.53 21.57
N GLY B 112 26.26 2.06 21.09
CA GLY B 112 25.40 2.86 20.25
C GLY B 112 25.67 2.69 18.77
N HIS B 113 26.51 1.74 18.42
CA HIS B 113 26.74 1.52 17.00
C HIS B 113 25.56 0.79 16.35
N VAL B 114 25.14 1.28 15.20
CA VAL B 114 23.95 0.76 14.54
C VAL B 114 24.34 0.15 13.22
N GLN B 115 23.69 -0.96 12.87
CA GLN B 115 23.87 -1.57 11.56
C GLN B 115 22.50 -1.85 10.94
N TYR B 116 22.23 -1.17 9.82
CA TYR B 116 21.03 -1.43 9.03
C TYR B 116 21.54 -2.06 7.73
N LEU B 117 21.13 -3.30 7.45
CA LEU B 117 21.70 -4.04 6.33
C LEU B 117 20.65 -4.50 5.30
N PRO B 118 19.93 -3.55 4.68
CA PRO B 118 18.80 -3.94 3.83
C PRO B 118 19.21 -4.51 2.49
N SER B 119 18.47 -5.52 2.06
CA SER B 119 18.53 -5.97 0.68
C SER B 119 17.36 -5.30 -0.07
N ILE B 120 17.62 -4.89 -1.30
CA ILE B 120 16.74 -3.95 -1.98
C ILE B 120 16.68 -4.25 -3.47
N ARG B 121 15.49 -4.10 -4.06
CA ARG B 121 15.38 -4.14 -5.50
C ARG B 121 14.93 -2.78 -6.04
N GLN B 122 15.65 -2.27 -7.03
CA GLN B 122 15.33 -0.95 -7.56
C GLN B 122 15.76 -0.81 -9.01
N ARG B 123 15.02 0.01 -9.76
CA ARG B 123 15.37 0.32 -11.15
C ARG B 123 16.01 1.71 -11.28
N PHE B 124 16.97 1.82 -12.19
CA PHE B 124 17.79 3.02 -12.33
C PHE B 124 17.88 3.50 -13.76
N SER B 125 18.01 4.80 -13.94
CA SER B 125 18.29 5.31 -15.27
C SER B 125 19.71 4.95 -15.62
N CYS B 126 19.90 4.40 -16.82
CA CYS B 126 21.22 4.05 -17.28
C CYS B 126 21.24 3.87 -18.79
N ASP B 127 22.38 4.21 -19.40
CA ASP B 127 22.58 3.99 -20.83
C ASP B 127 23.04 2.56 -21.01
N VAL B 128 22.13 1.68 -21.41
CA VAL B 128 22.48 0.26 -21.54
C VAL B 128 22.66 -0.17 -23.00
N SER B 129 22.98 0.79 -23.86
CA SER B 129 23.12 0.51 -25.28
C SER B 129 24.30 -0.43 -25.58
N GLY B 130 25.33 -0.38 -24.74
CA GLY B 130 26.51 -1.21 -24.94
C GLY B 130 26.46 -2.57 -24.27
N VAL B 131 25.31 -2.95 -23.71
CA VAL B 131 25.17 -4.25 -23.04
C VAL B 131 25.53 -5.42 -23.95
N ASP B 132 25.47 -5.21 -25.27
CA ASP B 132 25.68 -6.26 -26.25
C ASP B 132 27.09 -6.19 -26.87
N THR B 133 27.97 -5.43 -26.24
CA THR B 133 29.31 -5.25 -26.77
C THR B 133 30.34 -5.81 -25.81
N GLU B 134 31.58 -5.94 -26.26
CA GLU B 134 32.66 -6.48 -25.45
C GLU B 134 32.91 -5.60 -24.23
N SER B 135 32.84 -4.28 -24.45
CA SER B 135 33.08 -3.31 -23.39
C SER B 135 31.90 -3.19 -22.43
N GLY B 136 30.73 -3.68 -22.85
CA GLY B 136 29.58 -3.75 -21.97
C GLY B 136 28.87 -2.42 -21.76
N ALA B 137 27.99 -2.37 -20.77
CA ALA B 137 27.28 -1.15 -20.40
C ALA B 137 27.77 -0.69 -19.04
N THR B 138 27.89 0.63 -18.87
CA THR B 138 28.35 1.16 -17.60
C THR B 138 27.28 1.98 -16.91
N CYS B 139 26.91 1.57 -15.71
CA CYS B 139 25.82 2.20 -14.98
C CYS B 139 26.31 2.74 -13.66
N LYS B 140 25.92 3.97 -13.37
CA LYS B 140 26.28 4.58 -12.11
C LYS B 140 25.13 4.57 -11.12
N LEU B 141 25.36 3.89 -10.00
CA LEU B 141 24.41 3.91 -8.91
C LEU B 141 24.87 4.98 -7.92
N LYS B 142 24.27 6.16 -8.00
CA LYS B 142 24.71 7.28 -7.16
C LYS B 142 23.81 7.45 -5.93
N PHE B 143 24.42 7.38 -4.75
CA PHE B 143 23.69 7.50 -3.49
C PHE B 143 24.17 8.69 -2.67
N GLY B 144 23.25 9.32 -1.96
CA GLY B 144 23.58 10.42 -1.07
C GLY B 144 22.41 10.79 -0.17
N SER B 145 22.70 11.52 0.90
CA SER B 145 21.66 12.02 1.79
C SER B 145 20.80 13.04 1.06
N TRP B 146 19.49 12.91 1.20
CA TRP B 146 18.58 13.82 0.51
C TRP B 146 18.54 15.21 1.12
N THR B 147 18.74 15.29 2.44
CA THR B 147 18.57 16.56 3.14
C THR B 147 19.66 16.89 4.16
N HIS B 148 20.63 16.00 4.35
CA HIS B 148 21.71 16.28 5.29
C HIS B 148 23.04 16.57 4.59
N HIS B 149 23.65 17.71 4.93
CA HIS B 149 24.95 18.06 4.37
C HIS B 149 26.15 17.44 5.12
N SER B 150 27.34 17.58 4.54
CA SER B 150 28.61 16.99 5.03
C SER B 150 28.88 17.19 6.51
N ARG B 151 28.52 18.35 7.04
CA ARG B 151 28.89 18.69 8.39
C ARG B 151 27.82 18.25 9.38
N GLU B 152 26.78 17.61 8.86
CA GLU B 152 25.78 16.94 9.69
C GLU B 152 25.92 15.43 9.52
N LEU B 153 26.08 15.00 8.27
CA LEU B 153 26.09 13.58 7.96
C LEU B 153 27.29 13.33 7.06
N ASP B 154 28.34 12.77 7.67
CA ASP B 154 29.59 12.52 6.95
C ASP B 154 29.59 11.13 6.35
N LEU B 155 29.20 11.08 5.07
CA LEU B 155 29.07 9.83 4.33
C LEU B 155 30.45 9.33 3.86
N GLN B 156 30.81 8.10 4.23
CA GLN B 156 32.08 7.47 3.89
C GLN B 156 31.84 6.06 3.33
N MET B 157 32.73 5.59 2.48
CA MET B 157 32.64 4.24 1.90
C MET B 157 33.40 3.19 2.70
N GLN B 158 32.86 1.97 2.75
CA GLN B 158 33.64 0.78 3.10
C GLN B 158 33.90 0.08 1.78
N GLU B 159 34.75 -0.94 1.78
CA GLU B 159 35.02 -1.70 0.58
C GLU B 159 33.80 -2.50 0.11
N ALA B 160 33.53 -2.47 -1.20
CA ALA B 160 32.37 -3.15 -1.78
C ALA B 160 32.63 -4.65 -1.97
N ASP B 161 31.58 -5.39 -2.36
CA ASP B 161 31.67 -6.85 -2.41
C ASP B 161 30.91 -7.48 -3.58
N ILE B 162 31.63 -7.99 -4.57
CA ILE B 162 31.00 -8.69 -5.69
C ILE B 162 30.96 -10.20 -5.48
N SER B 163 31.45 -10.66 -4.33
CA SER B 163 31.45 -12.08 -4.04
C SER B 163 30.04 -12.68 -3.98
N GLY B 164 29.03 -11.82 -3.79
CA GLY B 164 27.66 -12.29 -3.69
C GLY B 164 26.89 -12.27 -5.00
N TYR B 165 27.54 -11.86 -6.08
CA TYR B 165 26.88 -11.84 -7.37
C TYR B 165 26.54 -13.27 -7.81
N ILE B 166 25.27 -13.52 -8.12
CA ILE B 166 24.87 -14.85 -8.58
C ILE B 166 25.58 -15.21 -9.88
N PRO B 167 26.07 -16.44 -9.97
CA PRO B 167 26.83 -16.89 -11.13
C PRO B 167 26.00 -17.30 -12.34
N TYR B 168 24.71 -17.57 -12.16
CA TYR B 168 23.91 -18.12 -13.25
C TYR B 168 23.09 -17.04 -13.99
N SER B 169 23.36 -15.77 -13.70
CA SER B 169 22.67 -14.70 -14.41
C SER B 169 23.01 -14.70 -15.90
N ARG B 170 22.17 -14.05 -16.71
CA ARG B 170 22.48 -13.92 -18.13
C ARG B 170 23.38 -12.71 -18.34
N PHE B 171 23.68 -12.00 -17.26
CA PHE B 171 24.64 -10.89 -17.33
C PHE B 171 25.96 -11.21 -16.62
N GLU B 172 27.04 -11.06 -17.37
CA GLU B 172 28.38 -11.19 -16.84
C GLU B 172 28.77 -9.87 -16.16
N LEU B 173 29.16 -9.94 -14.90
CA LEU B 173 29.57 -8.74 -14.15
C LEU B 173 31.07 -8.49 -14.34
N VAL B 174 31.42 -7.58 -15.25
CA VAL B 174 32.83 -7.28 -15.53
C VAL B 174 33.57 -6.66 -14.35
N GLY B 175 32.98 -5.61 -13.76
CA GLY B 175 33.60 -4.94 -12.64
C GLY B 175 32.68 -3.98 -11.90
N VAL B 176 33.07 -3.65 -10.67
CA VAL B 176 32.35 -2.69 -9.85
C VAL B 176 33.33 -1.77 -9.13
N THR B 177 33.39 -0.51 -9.53
CA THR B 177 34.16 0.47 -8.79
C THR B 177 33.25 1.38 -7.96
N GLN B 178 33.81 1.97 -6.92
CA GLN B 178 33.06 2.87 -6.06
C GLN B 178 33.90 4.11 -5.76
N LYS B 179 33.26 5.27 -5.67
CA LYS B 179 33.98 6.49 -5.30
C LYS B 179 33.15 7.49 -4.50
N ARG B 180 33.81 8.15 -3.55
CA ARG B 180 33.16 9.15 -2.74
C ARG B 180 33.49 10.51 -3.33
N SER B 181 32.45 11.32 -3.55
CA SER B 181 32.61 12.66 -4.05
C SER B 181 31.97 13.66 -3.09
N GLU B 182 32.26 14.94 -3.27
CA GLU B 182 31.62 15.98 -2.47
C GLU B 182 31.67 17.27 -3.27
N ARG B 183 30.57 18.01 -3.21
CA ARG B 183 30.40 19.21 -4.03
C ARG B 183 29.50 20.24 -3.39
N PHE B 184 29.78 21.52 -3.65
CA PHE B 184 28.84 22.56 -3.30
C PHE B 184 27.82 22.64 -4.43
N TYR B 185 26.56 22.87 -4.09
CA TYR B 185 25.54 23.05 -5.11
C TYR B 185 25.13 24.51 -5.20
N GLU B 186 24.54 24.88 -6.34
CA GLU B 186 23.97 26.20 -6.50
C GLU B 186 22.57 26.17 -5.89
N CYS B 187 22.52 26.20 -4.56
CA CYS B 187 21.27 26.03 -3.83
C CYS B 187 21.48 26.23 -2.34
N CYS B 188 22.60 25.69 -1.84
CA CYS B 188 22.82 25.59 -0.42
C CYS B 188 24.20 26.08 0.00
N LYS B 189 24.37 26.33 1.29
CA LYS B 189 25.59 26.95 1.81
C LYS B 189 26.64 25.90 2.13
N GLU B 190 26.19 24.71 2.53
CA GLU B 190 27.10 23.65 2.95
C GLU B 190 27.25 22.63 1.80
N PRO B 191 28.39 21.91 1.74
CA PRO B 191 28.56 20.94 0.66
C PRO B 191 27.89 19.61 0.96
N TYR B 192 27.60 18.79 -0.06
CA TYR B 192 26.97 17.48 0.15
C TYR B 192 27.85 16.33 -0.37
N PRO B 193 28.01 15.27 0.42
CA PRO B 193 28.78 14.14 -0.09
C PRO B 193 27.88 13.11 -0.78
N ASP B 194 28.47 12.29 -1.63
CA ASP B 194 27.76 11.19 -2.26
C ASP B 194 28.73 10.02 -2.51
N VAL B 195 28.18 8.82 -2.59
CA VAL B 195 28.96 7.63 -2.99
C VAL B 195 28.37 7.01 -4.24
N THR B 196 29.19 6.88 -5.27
CA THR B 196 28.74 6.31 -6.53
C THR B 196 29.41 4.96 -6.82
N PHE B 197 28.58 3.97 -7.10
CA PHE B 197 29.01 2.64 -7.51
C PHE B 197 28.82 2.48 -9.00
N THR B 198 29.92 2.30 -9.69
CA THR B 198 29.89 2.15 -11.13
C THR B 198 29.99 0.67 -11.43
N VAL B 199 29.01 0.13 -12.13
CA VAL B 199 29.05 -1.29 -12.48
C VAL B 199 29.02 -1.43 -13.99
N THR B 200 29.95 -2.25 -14.48
CA THR B 200 30.07 -2.56 -15.89
C THR B 200 29.70 -4.03 -16.10
N PHE B 201 28.92 -4.31 -17.14
CA PHE B 201 28.37 -5.64 -17.30
C PHE B 201 27.96 -5.86 -18.73
N ARG B 202 27.92 -7.13 -19.15
CA ARG B 202 27.49 -7.47 -20.48
C ARG B 202 26.69 -8.76 -20.54
N LYS B 203 25.91 -8.89 -21.61
CA LYS B 203 25.19 -10.11 -21.89
C LYS B 203 26.18 -11.17 -22.33
N LYS B 204 26.18 -12.30 -21.62
CA LYS B 204 27.00 -13.43 -21.98
C LYS B 204 26.72 -13.87 -23.42
N GLY B 205 27.78 -14.16 -24.17
CA GLY B 205 27.64 -14.55 -25.57
C GLY B 205 27.60 -13.38 -26.53
N GLY C 1 20.85 17.02 17.37
CA GLY C 1 21.37 16.96 18.73
C GLY C 1 20.34 17.32 19.79
N GLU C 2 20.83 17.62 21.00
CA GLU C 2 19.94 17.95 22.11
C GLU C 2 19.20 19.27 21.92
N PHE C 3 19.85 20.24 21.28
CA PHE C 3 19.18 21.48 20.91
C PHE C 3 18.09 21.20 19.88
N GLN C 4 18.42 20.36 18.91
CA GLN C 4 17.49 20.05 17.82
C GLN C 4 16.28 19.28 18.34
N ARG C 5 16.52 18.33 19.24
CA ARG C 5 15.46 17.58 19.88
C ARG C 5 14.52 18.54 20.65
N LYS C 6 15.11 19.48 21.39
CA LYS C 6 14.30 20.48 22.09
C LYS C 6 13.51 21.32 21.08
N LEU C 7 14.16 21.66 19.97
CA LEU C 7 13.52 22.46 18.92
C LEU C 7 12.28 21.77 18.32
N TYR C 8 12.36 20.47 18.08
CA TYR C 8 11.22 19.72 17.52
C TYR C 8 10.00 19.75 18.43
N LYS C 9 10.23 19.50 19.72
CA LYS C 9 9.17 19.56 20.73
C LYS C 9 8.40 20.87 20.65
N GLU C 10 9.10 21.96 20.37
CA GLU C 10 8.47 23.29 20.36
C GLU C 10 7.66 23.58 19.11
N LEU C 11 8.23 23.30 17.95
CA LEU C 11 7.51 23.48 16.69
C LEU C 11 6.23 22.62 16.63
N VAL C 12 6.27 21.44 17.26
CA VAL C 12 5.16 20.50 17.19
C VAL C 12 3.93 20.97 17.98
N LYS C 13 4.15 21.82 18.98
CA LYS C 13 3.09 22.30 19.85
C LYS C 13 2.07 23.17 19.13
N ASN C 14 0.80 22.78 19.24
CA ASN C 14 -0.31 23.49 18.63
C ASN C 14 -0.25 23.53 17.11
N TYR C 15 0.68 22.79 16.53
CA TYR C 15 0.88 22.83 15.11
C TYR C 15 -0.09 21.88 14.43
N ASN C 16 -0.86 22.40 13.47
CA ASN C 16 -1.79 21.58 12.72
C ASN C 16 -1.42 21.52 11.25
N PRO C 17 -0.92 20.37 10.79
CA PRO C 17 -0.45 20.21 9.41
C PRO C 17 -1.57 20.32 8.38
N ASP C 18 -2.83 20.34 8.83
CA ASP C 18 -3.95 20.54 7.93
C ASP C 18 -4.34 22.01 7.70
N VAL C 19 -3.72 22.95 8.42
CA VAL C 19 -4.09 24.36 8.34
C VAL C 19 -3.06 25.18 7.57
N ILE C 20 -3.47 25.79 6.46
CA ILE C 20 -2.53 26.57 5.67
C ILE C 20 -2.02 27.75 6.52
N PRO C 21 -0.69 27.94 6.56
CA PRO C 21 -0.06 28.94 7.44
C PRO C 21 -0.22 30.39 6.97
N THR C 22 -1.45 30.82 6.73
CA THR C 22 -1.70 32.19 6.33
C THR C 22 -1.50 33.10 7.53
N GLN C 23 -1.10 34.32 7.26
CA GLN C 23 -1.01 35.34 8.30
C GLN C 23 -1.92 36.48 7.85
N ARG C 24 -2.85 36.86 8.74
CA ARG C 24 -3.86 37.90 8.52
C ARG C 24 -3.84 38.59 7.15
N ASP C 25 -4.72 38.11 6.25
CA ASP C 25 -4.92 38.68 4.91
C ASP C 25 -3.79 38.37 3.90
N ARG C 26 -2.67 37.87 4.40
CA ARG C 26 -1.56 37.52 3.52
C ARG C 26 -1.62 36.05 3.12
N PRO C 27 -1.69 35.78 1.80
CA PRO C 27 -1.66 34.41 1.30
C PRO C 27 -0.30 33.78 1.56
N VAL C 28 -0.24 32.45 1.45
CA VAL C 28 1.04 31.77 1.45
C VAL C 28 1.53 31.70 0.02
N THR C 29 2.60 32.43 -0.26
CA THR C 29 3.25 32.38 -1.57
C THR C 29 4.04 31.08 -1.68
N VAL C 30 3.78 30.34 -2.74
CA VAL C 30 4.40 29.04 -2.96
C VAL C 30 5.14 29.07 -4.28
N TYR C 31 6.47 28.98 -4.22
CA TYR C 31 7.31 28.97 -5.42
C TYR C 31 7.43 27.56 -5.94
N PHE C 32 7.41 27.43 -7.27
CA PHE C 32 7.19 26.13 -7.88
C PHE C 32 7.96 26.00 -9.17
N SER C 33 8.69 24.88 -9.29
CA SER C 33 9.47 24.60 -10.50
C SER C 33 9.50 23.11 -10.82
N LEU C 34 9.59 22.81 -12.10
CA LEU C 34 9.68 21.44 -12.58
C LEU C 34 10.98 21.31 -13.35
N SER C 35 11.69 20.23 -13.11
CA SER C 35 12.86 19.88 -13.90
C SER C 35 12.66 18.51 -14.49
N LEU C 36 12.52 18.47 -15.82
CA LEU C 36 12.36 17.20 -16.55
C LEU C 36 13.66 16.41 -16.52
N LEU C 37 13.60 15.18 -16.03
CA LEU C 37 14.78 14.33 -16.00
C LEU C 37 14.72 13.27 -17.12
N GLN C 38 13.58 12.59 -17.22
CA GLN C 38 13.43 11.58 -18.26
C GLN C 38 12.00 11.38 -18.77
N ILE C 39 11.88 11.29 -20.09
CA ILE C 39 10.67 10.79 -20.69
C ILE C 39 10.87 9.29 -20.77
N MET C 40 10.05 8.54 -20.03
CA MET C 40 10.21 7.08 -19.92
C MET C 40 9.55 6.33 -21.05
N ASP C 41 8.43 6.83 -21.55
CA ASP C 41 7.69 6.15 -22.59
C ASP C 41 6.60 7.03 -23.18
N VAL C 42 6.12 6.64 -24.36
CA VAL C 42 4.92 7.23 -24.95
C VAL C 42 3.96 6.12 -25.39
N ASP C 43 2.67 6.35 -25.21
CA ASP C 43 1.66 5.38 -25.62
C ASP C 43 0.80 5.99 -26.72
N GLU C 44 1.21 5.80 -27.96
CA GLU C 44 0.53 6.41 -29.10
C GLU C 44 -0.91 5.92 -29.30
N LYS C 45 -1.26 4.81 -28.65
CA LYS C 45 -2.60 4.27 -28.76
C LYS C 45 -3.51 4.87 -27.68
N ASN C 46 -2.99 4.97 -26.45
CA ASN C 46 -3.81 5.48 -25.37
C ASN C 46 -3.56 6.96 -25.07
N GLN C 47 -2.69 7.58 -25.88
CA GLN C 47 -2.36 9.00 -25.72
C GLN C 47 -1.90 9.33 -24.31
N VAL C 48 -0.79 8.71 -23.94
CA VAL C 48 -0.23 8.83 -22.60
C VAL C 48 1.28 9.08 -22.68
N VAL C 49 1.78 9.95 -21.79
CA VAL C 49 3.21 10.14 -21.65
C VAL C 49 3.63 9.80 -20.22
N ASP C 50 4.72 9.06 -20.09
CA ASP C 50 5.25 8.63 -18.79
C ASP C 50 6.50 9.43 -18.53
N VAL C 51 6.56 10.16 -17.42
CA VAL C 51 7.71 11.03 -17.15
C VAL C 51 8.24 11.01 -15.73
N VAL C 52 9.56 11.16 -15.63
CA VAL C 52 10.22 11.34 -14.35
C VAL C 52 10.67 12.79 -14.28
N PHE C 53 10.38 13.44 -13.18
CA PHE C 53 10.70 14.87 -13.05
C PHE C 53 10.99 15.25 -11.61
N TRP C 54 11.70 16.36 -11.45
CA TRP C 54 12.07 16.85 -10.12
C TRP C 54 11.29 18.14 -9.85
N LEU C 55 10.48 18.12 -8.80
CA LEU C 55 9.68 19.28 -8.43
C LEU C 55 10.41 20.08 -7.35
N GLN C 56 10.50 21.39 -7.54
CA GLN C 56 10.97 22.26 -6.48
C GLN C 56 9.80 23.08 -5.94
N MET C 57 9.54 22.96 -4.64
CA MET C 57 8.50 23.73 -4.00
C MET C 57 9.03 24.41 -2.76
N SER C 58 8.67 25.68 -2.58
CA SER C 58 9.07 26.39 -1.36
C SER C 58 8.07 27.46 -0.94
N TRP C 59 7.92 27.62 0.36
CA TRP C 59 7.00 28.60 0.92
C TRP C 59 7.43 28.88 2.34
N THR C 60 6.93 29.96 2.92
CA THR C 60 7.21 30.23 4.32
C THR C 60 6.03 29.87 5.20
N ASP C 61 6.34 29.19 6.30
CA ASP C 61 5.37 28.85 7.33
C ASP C 61 5.79 29.54 8.62
N HIS C 62 5.15 30.66 8.95
CA HIS C 62 5.57 31.47 10.10
C HIS C 62 5.46 30.76 11.45
N TYR C 63 4.73 29.65 11.48
CA TYR C 63 4.63 28.84 12.70
C TYR C 63 5.86 27.97 12.93
N LEU C 64 6.75 27.94 11.94
CA LEU C 64 7.92 27.06 11.99
C LEU C 64 9.23 27.80 12.22
N GLN C 65 9.16 29.02 12.74
CA GLN C 65 10.36 29.83 12.89
C GLN C 65 10.91 29.80 14.32
N TRP C 66 12.21 30.00 14.47
CA TRP C 66 12.80 30.05 15.80
C TRP C 66 14.00 30.98 15.80
N ASN C 67 14.51 31.28 16.99
CA ASN C 67 15.72 32.09 17.11
C ASN C 67 16.95 31.22 17.24
N VAL C 68 17.83 31.31 16.24
CA VAL C 68 19.07 30.55 16.25
C VAL C 68 19.87 30.77 17.55
N SER C 69 19.70 31.94 18.17
CA SER C 69 20.36 32.19 19.45
C SER C 69 19.80 31.30 20.57
N GLU C 70 18.49 31.05 20.54
CA GLU C 70 17.86 30.10 21.45
C GLU C 70 18.31 28.66 21.18
N TYR C 71 18.64 28.37 19.92
CA TYR C 71 19.03 27.03 19.50
C TYR C 71 20.36 27.04 18.71
N PRO C 72 21.49 27.31 19.39
CA PRO C 72 22.80 27.46 18.75
C PRO C 72 23.23 26.24 17.92
N GLY C 73 23.76 26.49 16.73
CA GLY C 73 24.11 25.42 15.82
C GLY C 73 23.00 25.06 14.85
N VAL C 74 21.76 25.22 15.28
CA VAL C 74 20.63 24.75 14.48
C VAL C 74 20.08 25.80 13.53
N LYS C 75 20.53 25.74 12.29
CA LYS C 75 20.14 26.69 11.26
C LYS C 75 18.96 26.17 10.49
N GLN C 76 18.97 24.85 10.27
CA GLN C 76 17.91 24.21 9.52
C GLN C 76 17.72 22.77 9.97
N VAL C 77 16.48 22.29 9.89
CA VAL C 77 16.16 20.92 10.25
C VAL C 77 15.47 20.18 9.10
N SER C 78 15.54 18.86 9.13
CA SER C 78 14.85 18.06 8.13
C SER C 78 13.67 17.35 8.79
N VAL C 79 12.49 17.51 8.20
CA VAL C 79 11.22 17.16 8.84
C VAL C 79 10.39 16.31 7.87
N PRO C 80 9.81 15.21 8.37
CA PRO C 80 8.94 14.42 7.48
C PRO C 80 7.77 15.29 7.04
N ILE C 81 7.41 15.25 5.76
CA ILE C 81 6.35 16.12 5.25
C ILE C 81 5.00 15.82 5.88
N SER C 82 4.82 14.60 6.36
CA SER C 82 3.55 14.23 6.95
C SER C 82 3.35 15.01 8.23
N SER C 83 4.40 15.68 8.70
CA SER C 83 4.31 16.28 10.01
C SER C 83 4.18 17.80 9.90
N LEU C 84 4.02 18.28 8.67
CA LEU C 84 3.78 19.71 8.48
C LEU C 84 2.87 20.00 7.29
N TRP C 85 2.38 21.22 7.18
CA TRP C 85 1.57 21.59 6.05
C TRP C 85 2.34 21.58 4.74
N VAL C 86 1.70 21.11 3.68
CA VAL C 86 2.27 21.14 2.34
C VAL C 86 1.19 21.55 1.34
N PRO C 87 1.58 22.28 0.29
CA PRO C 87 0.62 22.66 -0.74
C PRO C 87 -0.09 21.44 -1.33
N ASP C 88 -1.38 21.55 -1.57
CA ASP C 88 -2.15 20.47 -2.17
C ASP C 88 -2.12 20.57 -3.69
N LEU C 89 -0.93 20.59 -4.27
CA LEU C 89 -0.80 20.71 -5.73
C LEU C 89 -1.23 19.44 -6.43
N ALA C 90 -2.14 19.60 -7.39
CA ALA C 90 -2.65 18.50 -8.18
C ALA C 90 -2.07 18.55 -9.58
N ALA C 91 -1.86 17.38 -10.17
CA ALA C 91 -1.52 17.30 -11.58
C ALA C 91 -2.83 17.08 -12.35
N TYR C 92 -3.33 18.15 -12.96
CA TYR C 92 -4.67 18.19 -13.55
C TYR C 92 -4.95 17.06 -14.54
N ASN C 93 -4.03 16.84 -15.47
CA ASN C 93 -4.25 15.83 -16.48
C ASN C 93 -3.45 14.54 -16.27
N ALA C 94 -3.06 14.26 -15.02
CA ALA C 94 -2.41 13.00 -14.70
C ALA C 94 -3.39 11.83 -14.88
N ILE C 95 -2.89 10.66 -15.27
CA ILE C 95 -3.78 9.50 -15.34
C ILE C 95 -3.32 8.39 -14.41
N SER C 96 -2.31 8.69 -13.60
CA SER C 96 -1.85 7.75 -12.58
C SER C 96 -1.41 8.51 -11.34
N LYS C 97 -1.48 7.83 -10.19
CA LYS C 97 -0.97 8.38 -8.95
C LYS C 97 0.52 8.66 -9.12
N PRO C 98 1.03 9.68 -8.42
CA PRO C 98 2.49 9.92 -8.48
C PRO C 98 3.29 8.91 -7.67
N GLU C 99 4.37 8.40 -8.26
CA GLU C 99 5.29 7.57 -7.52
C GLU C 99 6.40 8.50 -7.05
N VAL C 100 6.44 8.79 -5.76
CA VAL C 100 7.49 9.64 -5.20
C VAL C 100 8.75 8.83 -4.96
N LEU C 101 9.82 9.20 -5.65
CA LEU C 101 11.06 8.40 -5.70
C LEU C 101 12.02 8.66 -4.55
N THR C 102 11.85 9.77 -3.86
CA THR C 102 12.84 10.25 -2.90
C THR C 102 12.28 10.33 -1.49
N PRO C 103 13.16 10.39 -0.47
CA PRO C 103 12.63 10.47 0.89
C PRO C 103 11.67 11.67 1.05
N GLN C 104 10.58 11.43 1.76
CA GLN C 104 9.52 12.42 1.87
C GLN C 104 9.81 13.38 3.02
N LEU C 105 10.90 14.10 2.84
CA LEU C 105 11.43 15.01 3.86
C LEU C 105 11.57 16.39 3.27
N ALA C 106 11.12 17.39 4.02
CA ALA C 106 11.35 18.79 3.66
C ALA C 106 12.41 19.40 4.57
N LEU C 107 13.04 20.46 4.08
CA LEU C 107 14.03 21.24 4.84
C LEU C 107 13.43 22.55 5.31
N VAL C 108 13.65 22.88 6.58
CA VAL C 108 13.10 24.10 7.14
C VAL C 108 14.20 24.90 7.83
N ASN C 109 14.33 26.18 7.46
CA ASN C 109 15.28 27.04 8.15
C ASN C 109 14.65 27.84 9.29
N SER C 110 15.46 28.64 9.97
CA SER C 110 15.03 29.31 11.20
C SER C 110 13.97 30.39 10.99
N SER C 111 13.88 30.92 9.77
CA SER C 111 12.83 31.89 9.44
C SER C 111 11.53 31.19 8.97
N GLY C 112 11.47 29.87 9.06
CA GLY C 112 10.30 29.13 8.66
C GLY C 112 10.19 28.92 7.16
N HIS C 113 11.28 29.13 6.44
CA HIS C 113 11.22 28.82 5.01
C HIS C 113 11.40 27.33 4.78
N VAL C 114 10.44 26.74 4.09
CA VAL C 114 10.37 25.31 3.86
C VAL C 114 10.72 25.00 2.42
N GLN C 115 11.58 24.02 2.20
CA GLN C 115 11.89 23.56 0.85
C GLN C 115 11.54 22.06 0.74
N TYR C 116 10.82 21.70 -0.31
CA TYR C 116 10.41 20.33 -0.53
C TYR C 116 10.69 19.99 -1.98
N LEU C 117 11.53 18.99 -2.20
CA LEU C 117 12.10 18.74 -3.52
C LEU C 117 11.97 17.28 -3.97
N PRO C 118 10.73 16.78 -4.13
CA PRO C 118 10.57 15.37 -4.47
C PRO C 118 10.88 15.08 -5.93
N SER C 119 11.50 13.92 -6.18
CA SER C 119 11.61 13.39 -7.53
C SER C 119 10.43 12.44 -7.73
N ILE C 120 9.82 12.45 -8.90
CA ILE C 120 8.51 11.83 -9.07
C ILE C 120 8.35 11.20 -10.44
N ARG C 121 7.81 9.99 -10.49
CA ARG C 121 7.41 9.40 -11.76
C ARG C 121 5.89 9.41 -11.86
N GLN C 122 5.37 9.89 -12.99
CA GLN C 122 3.94 9.99 -13.16
C GLN C 122 3.56 9.91 -14.61
N ARG C 123 2.35 9.40 -14.87
CA ARG C 123 1.83 9.37 -16.23
C ARG C 123 0.76 10.44 -16.48
N PHE C 124 0.74 10.96 -17.71
CA PHE C 124 -0.10 12.10 -18.06
C PHE C 124 -0.78 11.85 -19.40
N SER C 125 -2.04 12.27 -19.49
CA SER C 125 -2.75 12.29 -20.76
C SER C 125 -2.06 13.30 -21.68
N CYS C 126 -1.78 12.91 -22.92
CA CYS C 126 -1.16 13.81 -23.89
C CYS C 126 -1.27 13.30 -25.33
N ASP C 127 -1.48 14.22 -26.27
CA ASP C 127 -1.49 13.87 -27.69
C ASP C 127 -0.06 13.70 -28.17
N VAL C 128 0.42 12.46 -28.13
CA VAL C 128 1.81 12.17 -28.43
C VAL C 128 2.02 11.75 -29.88
N SER C 129 0.99 11.93 -30.69
CA SER C 129 1.00 11.47 -32.08
C SER C 129 1.99 12.23 -32.95
N GLY C 130 2.58 13.29 -32.42
CA GLY C 130 3.55 14.07 -33.17
C GLY C 130 4.97 13.56 -32.98
N VAL C 131 5.11 12.59 -32.08
CA VAL C 131 6.42 12.12 -31.62
C VAL C 131 7.40 11.73 -32.73
N ASP C 132 6.89 11.19 -33.84
CA ASP C 132 7.75 10.73 -34.93
C ASP C 132 7.87 11.76 -36.04
N THR C 133 7.87 13.04 -35.69
CA THR C 133 7.89 14.12 -36.68
C THR C 133 8.90 15.21 -36.34
N GLU C 134 9.21 16.04 -37.33
CA GLU C 134 10.16 17.13 -37.16
C GLU C 134 9.69 18.12 -36.09
N SER C 135 8.37 18.32 -36.05
CA SER C 135 7.76 19.20 -35.06
C SER C 135 7.64 18.52 -33.70
N GLY C 136 7.58 17.19 -33.72
CA GLY C 136 7.53 16.43 -32.49
C GLY C 136 6.17 16.48 -31.83
N ALA C 137 6.09 15.96 -30.62
CA ALA C 137 4.87 16.01 -29.82
C ALA C 137 4.99 17.04 -28.70
N THR C 138 3.85 17.61 -28.31
CA THR C 138 3.80 18.63 -27.29
C THR C 138 2.87 18.18 -26.16
N CYS C 139 3.41 18.11 -24.94
CA CYS C 139 2.64 17.67 -23.79
C CYS C 139 2.62 18.76 -22.71
N LYS C 140 1.44 19.00 -22.16
CA LYS C 140 1.31 19.98 -21.09
C LYS C 140 1.27 19.28 -19.74
N LEU C 141 1.92 19.86 -18.75
CA LEU C 141 1.91 19.31 -17.40
C LEU C 141 1.34 20.38 -16.49
N LYS C 142 0.04 20.28 -16.18
CA LYS C 142 -0.67 21.36 -15.52
C LYS C 142 -0.83 21.11 -14.03
N PHE C 143 -0.21 21.96 -13.20
CA PHE C 143 -0.32 21.80 -11.75
C PHE C 143 -0.98 23.00 -11.09
N GLY C 144 -1.61 22.79 -9.93
CA GLY C 144 -2.17 23.88 -9.15
C GLY C 144 -2.86 23.39 -7.89
N SER C 145 -3.15 24.30 -6.97
CA SER C 145 -3.84 23.94 -5.74
C SER C 145 -5.22 23.38 -6.03
N TRP C 146 -5.55 22.28 -5.37
CA TRP C 146 -6.83 21.65 -5.59
C TRP C 146 -7.92 22.34 -4.76
N THR C 147 -7.57 22.82 -3.56
CA THR C 147 -8.57 23.42 -2.68
C THR C 147 -8.30 24.85 -2.17
N HIS C 148 -7.26 25.52 -2.66
CA HIS C 148 -6.95 26.88 -2.20
C HIS C 148 -6.89 27.87 -3.34
N HIS C 149 -7.69 28.92 -3.26
CA HIS C 149 -7.72 29.93 -4.31
C HIS C 149 -6.56 30.92 -4.17
N SER C 150 -6.46 31.86 -5.12
CA SER C 150 -5.37 32.83 -5.18
C SER C 150 -5.11 33.63 -3.90
N ARG C 151 -6.17 33.95 -3.17
CA ARG C 151 -6.01 34.76 -1.96
C ARG C 151 -5.54 33.95 -0.76
N GLU C 152 -5.64 32.63 -0.85
CA GLU C 152 -5.14 31.75 0.19
C GLU C 152 -3.75 31.24 -0.15
N LEU C 153 -3.58 30.73 -1.36
CA LEU C 153 -2.30 30.17 -1.82
C LEU C 153 -1.88 30.82 -3.14
N ASP C 154 -0.74 31.51 -3.11
CA ASP C 154 -0.27 32.24 -4.29
C ASP C 154 0.86 31.53 -5.04
N LEU C 155 0.48 30.78 -6.08
CA LEU C 155 1.42 29.98 -6.86
C LEU C 155 2.30 30.82 -7.77
N GLN C 156 3.61 30.78 -7.53
CA GLN C 156 4.57 31.48 -8.36
C GLN C 156 5.60 30.53 -8.96
N MET C 157 6.01 30.78 -10.19
CA MET C 157 7.03 29.98 -10.86
C MET C 157 8.44 30.41 -10.47
N GLN C 158 9.40 29.52 -10.71
CA GLN C 158 10.81 29.86 -10.76
C GLN C 158 11.27 29.29 -12.10
N GLU C 159 12.52 29.55 -12.49
CA GLU C 159 12.97 29.12 -13.82
C GLU C 159 13.01 27.60 -13.96
N ALA C 160 12.50 27.10 -15.09
CA ALA C 160 12.40 25.66 -15.33
C ALA C 160 13.69 25.13 -15.93
N ASP C 161 14.55 24.59 -15.08
CA ASP C 161 15.86 24.11 -15.49
C ASP C 161 15.77 22.76 -16.22
N ILE C 162 16.32 22.72 -17.43
CA ILE C 162 16.40 21.45 -18.18
C ILE C 162 17.83 20.94 -18.31
N SER C 163 18.70 21.35 -17.38
CA SER C 163 20.09 20.89 -17.38
C SER C 163 20.19 19.44 -16.89
N GLY C 164 19.07 18.93 -16.38
CA GLY C 164 19.05 17.60 -15.80
C GLY C 164 18.52 16.52 -16.71
N TYR C 165 18.11 16.89 -17.91
CA TYR C 165 17.57 15.92 -18.85
C TYR C 165 18.65 14.95 -19.33
N ILE C 166 18.46 13.66 -19.09
CA ILE C 166 19.48 12.68 -19.47
C ILE C 166 19.70 12.63 -20.99
N PRO C 167 20.98 12.60 -21.41
CA PRO C 167 21.36 12.69 -22.82
C PRO C 167 21.06 11.43 -23.65
N TYR C 168 21.07 10.27 -23.00
CA TYR C 168 20.97 9.00 -23.73
C TYR C 168 19.52 8.50 -23.97
N SER C 169 18.53 9.34 -23.70
CA SER C 169 17.15 8.99 -24.00
C SER C 169 16.93 8.81 -25.50
N ARG C 170 15.90 8.08 -25.89
CA ARG C 170 15.58 7.94 -27.31
C ARG C 170 14.72 9.09 -27.77
N PHE C 171 14.33 9.95 -26.82
CA PHE C 171 13.59 11.16 -27.14
C PHE C 171 14.49 12.38 -27.00
N GLU C 172 14.43 13.26 -28.00
CA GLU C 172 15.21 14.50 -27.99
C GLU C 172 14.33 15.65 -27.49
N LEU C 173 14.86 16.42 -26.54
CA LEU C 173 14.12 17.57 -26.02
C LEU C 173 14.25 18.77 -26.95
N VAL C 174 13.12 19.22 -27.50
CA VAL C 174 13.09 20.34 -28.43
C VAL C 174 12.93 21.68 -27.70
N GLY C 175 12.10 21.67 -26.66
CA GLY C 175 11.86 22.88 -25.88
C GLY C 175 10.94 22.65 -24.70
N VAL C 176 11.11 23.47 -23.67
CA VAL C 176 10.24 23.48 -22.50
C VAL C 176 9.90 24.93 -22.15
N THR C 177 8.62 25.19 -21.91
CA THR C 177 8.19 26.51 -21.44
C THR C 177 7.36 26.38 -20.16
N GLN C 178 7.19 27.48 -19.44
CA GLN C 178 6.38 27.50 -18.23
C GLN C 178 5.49 28.75 -18.19
N LYS C 179 4.23 28.58 -17.83
CA LYS C 179 3.33 29.71 -17.77
C LYS C 179 2.43 29.62 -16.55
N ARG C 180 2.18 30.77 -15.91
CA ARG C 180 1.20 30.86 -14.84
C ARG C 180 -0.13 31.24 -15.46
N SER C 181 -1.23 30.70 -14.92
CA SER C 181 -2.56 31.06 -15.36
C SER C 181 -3.48 31.24 -14.17
N GLU C 182 -4.55 32.01 -14.35
CA GLU C 182 -5.58 32.10 -13.34
C GLU C 182 -6.91 31.83 -14.00
N ARG C 183 -7.64 30.87 -13.44
CA ARG C 183 -8.88 30.44 -14.06
C ARG C 183 -10.05 30.59 -13.10
N PHE C 184 -11.20 30.95 -13.66
CA PHE C 184 -12.43 31.04 -12.88
C PHE C 184 -13.33 29.88 -13.26
N TYR C 185 -13.77 29.14 -12.25
CA TYR C 185 -14.62 27.98 -12.48
C TYR C 185 -16.03 28.33 -12.03
N GLU C 186 -17.04 27.86 -12.76
CA GLU C 186 -18.43 28.12 -12.40
C GLU C 186 -18.75 27.52 -11.04
N CYS C 187 -18.39 28.26 -9.99
CA CYS C 187 -18.52 27.79 -8.62
C CYS C 187 -18.24 28.93 -7.65
N CYS C 188 -17.01 29.39 -7.64
CA CYS C 188 -16.51 30.31 -6.63
C CYS C 188 -16.35 31.70 -7.23
N LYS C 189 -15.92 32.65 -6.41
CA LYS C 189 -15.74 34.02 -6.87
C LYS C 189 -14.26 34.32 -7.11
N GLU C 190 -13.39 33.59 -6.41
CA GLU C 190 -11.95 33.78 -6.54
C GLU C 190 -11.39 32.91 -7.67
N PRO C 191 -10.25 33.30 -8.24
CA PRO C 191 -9.56 32.49 -9.24
C PRO C 191 -8.69 31.40 -8.60
N TYR C 192 -8.48 30.30 -9.31
CA TYR C 192 -7.51 29.28 -8.90
C TYR C 192 -6.34 29.27 -9.87
N PRO C 193 -5.14 29.61 -9.38
CA PRO C 193 -3.90 29.69 -10.18
C PRO C 193 -3.28 28.33 -10.49
N ASP C 194 -2.87 28.16 -11.73
CA ASP C 194 -2.17 26.94 -12.14
C ASP C 194 -0.88 27.26 -12.89
N VAL C 195 0.16 26.47 -12.64
CA VAL C 195 1.39 26.60 -13.41
C VAL C 195 1.48 25.45 -14.41
N THR C 196 1.68 25.79 -15.67
CA THR C 196 1.75 24.78 -16.71
C THR C 196 3.13 24.70 -17.34
N PHE C 197 3.67 23.49 -17.42
CA PHE C 197 4.93 23.23 -18.10
C PHE C 197 4.68 22.51 -19.42
N THR C 198 5.14 23.13 -20.49
CA THR C 198 4.89 22.60 -21.83
C THR C 198 6.17 22.06 -22.45
N VAL C 199 6.21 20.76 -22.72
CA VAL C 199 7.43 20.17 -23.23
C VAL C 199 7.23 19.65 -24.63
N THR C 200 8.18 19.96 -25.51
CA THR C 200 8.14 19.47 -26.88
C THR C 200 9.33 18.55 -27.10
N PHE C 201 9.09 17.43 -27.75
CA PHE C 201 10.11 16.39 -27.91
C PHE C 201 9.79 15.46 -29.07
N ARG C 202 10.81 14.82 -29.63
CA ARG C 202 10.61 13.93 -30.76
C ARG C 202 11.56 12.74 -30.70
N LYS C 203 11.13 11.63 -31.30
CA LYS C 203 11.92 10.42 -31.33
C LYS C 203 13.21 10.69 -32.07
N LYS C 204 14.33 10.14 -31.57
CA LYS C 204 15.62 10.32 -32.21
C LYS C 204 15.80 9.34 -33.37
N GLY C 205 16.85 9.54 -34.16
CA GLY C 205 17.17 8.62 -35.24
C GLY C 205 16.40 8.94 -36.52
N GLY D 1 -4.18 30.45 9.41
CA GLY D 1 -4.21 31.64 10.25
C GLY D 1 -4.55 31.32 11.69
N GLU D 2 -4.53 32.34 12.53
CA GLU D 2 -4.82 32.16 13.95
C GLU D 2 -6.27 31.69 14.22
N PHE D 3 -7.23 32.27 13.51
CA PHE D 3 -8.62 31.86 13.67
C PHE D 3 -8.93 30.53 12.97
N GLN D 4 -8.28 30.28 11.84
CA GLN D 4 -8.47 29.01 11.14
C GLN D 4 -8.06 27.87 12.05
N ARG D 5 -6.92 28.03 12.72
CA ARG D 5 -6.40 27.07 13.70
C ARG D 5 -7.42 26.77 14.82
N LYS D 6 -8.09 27.81 15.31
CA LYS D 6 -8.98 27.70 16.46
C LYS D 6 -10.28 27.07 16.03
N LEU D 7 -10.68 27.34 14.79
CA LEU D 7 -11.87 26.72 14.23
C LEU D 7 -11.68 25.21 14.12
N TYR D 8 -10.48 24.75 13.81
CA TYR D 8 -10.25 23.31 13.70
C TYR D 8 -10.44 22.60 15.05
N LYS D 9 -9.78 23.12 16.09
CA LYS D 9 -9.91 22.53 17.41
C LYS D 9 -11.38 22.40 17.86
N GLU D 10 -12.20 23.38 17.50
CA GLU D 10 -13.62 23.35 17.85
C GLU D 10 -14.39 22.30 17.06
N LEU D 11 -14.19 22.30 15.75
CA LEU D 11 -14.88 21.38 14.88
C LEU D 11 -14.59 19.93 15.22
N VAL D 12 -13.34 19.64 15.60
CA VAL D 12 -12.92 18.28 15.93
C VAL D 12 -13.66 17.76 17.17
N LYS D 13 -13.87 18.63 18.15
CA LYS D 13 -14.63 18.30 19.35
C LYS D 13 -15.94 17.59 19.04
N ASN D 14 -16.14 16.44 19.68
CA ASN D 14 -17.38 15.68 19.56
C ASN D 14 -17.75 15.24 18.14
N TYR D 15 -16.93 15.57 17.16
CA TYR D 15 -17.23 15.17 15.79
C TYR D 15 -16.88 13.69 15.56
N ASN D 16 -17.77 12.95 14.90
CA ASN D 16 -17.57 11.53 14.58
C ASN D 16 -17.78 11.29 13.10
N PRO D 17 -16.69 11.05 12.37
CA PRO D 17 -16.82 10.92 10.92
C PRO D 17 -17.41 9.56 10.49
N ASP D 18 -17.77 8.73 11.45
CA ASP D 18 -18.45 7.49 11.12
C ASP D 18 -19.99 7.62 11.10
N VAL D 19 -20.52 8.71 11.66
CA VAL D 19 -21.97 8.89 11.82
C VAL D 19 -22.54 9.82 10.76
N ILE D 20 -23.47 9.34 9.94
CA ILE D 20 -24.04 10.16 8.89
C ILE D 20 -24.80 11.32 9.58
N PRO D 21 -24.64 12.54 9.07
CA PRO D 21 -25.28 13.69 9.74
C PRO D 21 -26.76 13.89 9.36
N THR D 22 -27.58 12.87 9.55
CA THR D 22 -29.02 13.00 9.35
C THR D 22 -29.67 13.80 10.47
N GLN D 23 -30.91 14.25 10.26
CA GLN D 23 -31.78 14.71 11.34
C GLN D 23 -33.00 13.82 11.39
N ARG D 24 -33.77 13.93 12.47
CA ARG D 24 -35.08 13.26 12.55
C ARG D 24 -35.92 13.67 11.34
N ASP D 25 -36.28 12.67 10.55
CA ASP D 25 -37.05 12.88 9.31
C ASP D 25 -36.35 13.78 8.31
N ARG D 26 -35.02 13.84 8.36
CA ARG D 26 -34.28 14.64 7.40
C ARG D 26 -33.06 13.89 6.86
N PRO D 27 -33.21 13.25 5.69
CA PRO D 27 -32.06 12.56 5.09
C PRO D 27 -30.98 13.56 4.78
N VAL D 28 -29.75 13.11 4.62
CA VAL D 28 -28.69 13.94 4.09
C VAL D 28 -28.80 13.87 2.58
N THR D 29 -29.03 15.02 1.96
CA THR D 29 -29.05 15.13 0.52
C THR D 29 -27.64 15.18 -0.04
N VAL D 30 -27.36 14.30 -1.00
CA VAL D 30 -26.05 14.26 -1.62
C VAL D 30 -26.19 14.54 -3.11
N TYR D 31 -25.64 15.65 -3.55
CA TYR D 31 -25.66 16.03 -4.96
C TYR D 31 -24.46 15.39 -5.64
N PHE D 32 -24.68 14.82 -6.82
CA PHE D 32 -23.70 13.94 -7.44
C PHE D 32 -23.67 14.09 -8.95
N SER D 33 -22.47 14.18 -9.51
CA SER D 33 -22.32 14.15 -10.96
C SER D 33 -21.01 13.54 -11.43
N LEU D 34 -20.96 13.17 -12.70
CA LEU D 34 -19.76 12.57 -13.28
C LEU D 34 -19.40 13.29 -14.56
N SER D 35 -18.12 13.60 -14.71
CA SER D 35 -17.59 14.15 -15.95
C SER D 35 -16.53 13.20 -16.48
N LEU D 36 -16.79 12.61 -17.64
CA LEU D 36 -15.85 11.69 -18.27
C LEU D 36 -14.68 12.47 -18.85
N LEU D 37 -13.46 12.10 -18.47
CA LEU D 37 -12.26 12.78 -18.98
C LEU D 37 -11.62 12.01 -20.14
N GLN D 38 -11.52 10.70 -20.01
CA GLN D 38 -10.91 9.90 -21.06
C GLN D 38 -11.25 8.43 -20.92
N ILE D 39 -11.40 7.76 -22.05
CA ILE D 39 -11.51 6.31 -22.06
C ILE D 39 -10.13 5.75 -22.39
N MET D 40 -9.48 5.23 -21.36
CA MET D 40 -8.08 4.79 -21.45
C MET D 40 -7.91 3.52 -22.28
N ASP D 41 -8.80 2.57 -22.07
CA ASP D 41 -8.76 1.34 -22.86
C ASP D 41 -10.11 0.62 -22.82
N VAL D 42 -10.31 -0.22 -23.83
CA VAL D 42 -11.40 -1.20 -23.80
C VAL D 42 -10.80 -2.59 -23.98
N ASP D 43 -11.30 -3.54 -23.21
CA ASP D 43 -10.80 -4.89 -23.28
C ASP D 43 -11.90 -5.78 -23.83
N GLU D 44 -11.94 -5.87 -25.15
CA GLU D 44 -12.98 -6.61 -25.86
C GLU D 44 -13.06 -8.08 -25.47
N LYS D 45 -11.96 -8.66 -25.00
CA LYS D 45 -11.96 -10.06 -24.58
C LYS D 45 -12.61 -10.24 -23.20
N ASN D 46 -12.13 -9.51 -22.20
CA ASN D 46 -12.62 -9.66 -20.83
C ASN D 46 -13.82 -8.79 -20.52
N GLN D 47 -14.24 -7.99 -21.48
CA GLN D 47 -15.40 -7.10 -21.33
C GLN D 47 -15.19 -6.07 -20.24
N VAL D 48 -14.18 -5.23 -20.43
CA VAL D 48 -13.84 -4.21 -19.46
C VAL D 48 -13.58 -2.86 -20.16
N VAL D 49 -14.02 -1.79 -19.52
CA VAL D 49 -13.67 -0.46 -19.99
C VAL D 49 -12.90 0.26 -18.88
N ASP D 50 -11.83 0.96 -19.26
CA ASP D 50 -10.95 1.65 -18.30
C ASP D 50 -11.24 3.13 -18.48
N VAL D 51 -11.65 3.82 -17.42
CA VAL D 51 -12.02 5.23 -17.56
C VAL D 51 -11.39 6.14 -16.52
N VAL D 52 -11.02 7.35 -16.97
CA VAL D 52 -10.68 8.43 -16.06
C VAL D 52 -11.84 9.41 -16.01
N PHE D 53 -12.32 9.72 -14.81
CA PHE D 53 -13.42 10.65 -14.65
C PHE D 53 -13.30 11.53 -13.39
N TRP D 54 -14.12 12.59 -13.37
CA TRP D 54 -14.16 13.54 -12.27
C TRP D 54 -15.55 13.51 -11.62
N LEU D 55 -15.61 13.10 -10.35
CA LEU D 55 -16.86 13.11 -9.61
C LEU D 55 -17.01 14.42 -8.87
N GLN D 56 -18.24 14.91 -8.80
CA GLN D 56 -18.58 16.05 -7.95
C GLN D 56 -19.55 15.56 -6.89
N MET D 57 -19.19 15.79 -5.64
CA MET D 57 -20.07 15.40 -4.54
C MET D 57 -20.18 16.53 -3.57
N SER D 58 -21.42 16.90 -3.24
CA SER D 58 -21.65 17.91 -2.23
C SER D 58 -22.86 17.56 -1.37
N TRP D 59 -22.79 17.98 -0.11
CA TRP D 59 -23.80 17.68 0.88
C TRP D 59 -23.55 18.62 2.05
N THR D 60 -24.50 18.65 2.98
CA THR D 60 -24.40 19.52 4.13
C THR D 60 -24.21 18.68 5.37
N ASP D 61 -23.28 19.07 6.21
CA ASP D 61 -23.03 18.39 7.46
C ASP D 61 -23.13 19.43 8.57
N HIS D 62 -24.29 19.48 9.22
CA HIS D 62 -24.63 20.56 10.12
C HIS D 62 -23.71 20.63 11.35
N TYR D 63 -22.96 19.55 11.62
CA TYR D 63 -21.95 19.60 12.69
C TYR D 63 -20.68 20.36 12.30
N LEU D 64 -20.53 20.68 11.02
CA LEU D 64 -19.37 21.43 10.55
C LEU D 64 -19.65 22.93 10.38
N GLN D 65 -20.77 23.41 10.89
CA GLN D 65 -21.12 24.81 10.69
C GLN D 65 -20.43 25.69 11.72
N TRP D 66 -20.26 26.96 11.41
CA TRP D 66 -19.70 27.87 12.39
C TRP D 66 -20.14 29.31 12.15
N ASN D 67 -19.87 30.15 13.12
CA ASN D 67 -20.16 31.57 12.98
C ASN D 67 -18.98 32.39 12.48
N VAL D 68 -19.06 32.85 11.23
CA VAL D 68 -18.00 33.67 10.65
C VAL D 68 -17.66 34.81 11.58
N SER D 69 -18.66 35.33 12.27
CA SER D 69 -18.45 36.36 13.28
C SER D 69 -17.44 35.94 14.36
N GLU D 70 -17.52 34.69 14.81
CA GLU D 70 -16.60 34.18 15.82
C GLU D 70 -15.24 33.84 15.24
N TYR D 71 -15.18 33.70 13.91
CA TYR D 71 -13.93 33.37 13.22
C TYR D 71 -13.77 34.25 11.98
N PRO D 72 -13.58 35.57 12.19
CA PRO D 72 -13.57 36.50 11.06
C PRO D 72 -12.48 36.17 10.05
N GLY D 73 -12.79 36.34 8.77
CA GLY D 73 -11.87 35.99 7.69
C GLY D 73 -12.12 34.59 7.14
N VAL D 74 -12.54 33.67 8.01
CA VAL D 74 -12.68 32.26 7.63
C VAL D 74 -14.06 31.96 7.02
N LYS D 75 -14.13 31.95 5.70
CA LYS D 75 -15.37 31.61 5.02
C LYS D 75 -15.43 30.10 4.71
N GLN D 76 -14.26 29.49 4.51
CA GLN D 76 -14.17 28.07 4.17
C GLN D 76 -12.83 27.45 4.60
N VAL D 77 -12.84 26.15 4.81
CA VAL D 77 -11.64 25.44 5.21
C VAL D 77 -11.43 24.20 4.35
N SER D 78 -10.16 23.80 4.25
CA SER D 78 -9.74 22.66 3.45
C SER D 78 -9.43 21.50 4.40
N VAL D 79 -10.16 20.40 4.26
CA VAL D 79 -10.16 19.34 5.26
C VAL D 79 -9.90 17.97 4.64
N PRO D 80 -9.00 17.16 5.24
CA PRO D 80 -8.81 15.80 4.75
C PRO D 80 -10.13 15.01 4.84
N ILE D 81 -10.51 14.29 3.78
CA ILE D 81 -11.74 13.49 3.82
C ILE D 81 -11.75 12.45 4.93
N SER D 82 -10.56 12.01 5.35
CA SER D 82 -10.45 11.04 6.44
C SER D 82 -10.90 11.61 7.77
N SER D 83 -11.04 12.93 7.84
CA SER D 83 -11.42 13.62 9.06
C SER D 83 -12.92 13.85 9.16
N LEU D 84 -13.63 13.64 8.06
CA LEU D 84 -15.07 13.87 8.10
C LEU D 84 -15.93 12.78 7.45
N TRP D 85 -17.20 12.77 7.79
CA TRP D 85 -18.12 11.83 7.17
C TRP D 85 -18.22 12.12 5.68
N VAL D 86 -18.14 11.08 4.84
CA VAL D 86 -18.35 11.27 3.41
C VAL D 86 -19.28 10.16 2.92
N PRO D 87 -20.08 10.44 1.87
CA PRO D 87 -21.00 9.42 1.36
C PRO D 87 -20.27 8.15 0.95
N ASP D 88 -20.80 6.98 1.33
CA ASP D 88 -20.21 5.69 0.98
C ASP D 88 -20.66 5.26 -0.39
N LEU D 89 -20.42 6.12 -1.37
CA LEU D 89 -20.85 5.80 -2.72
C LEU D 89 -19.98 4.71 -3.34
N ALA D 90 -20.63 3.67 -3.83
CA ALA D 90 -19.95 2.57 -4.50
C ALA D 90 -20.25 2.55 -6.00
N ALA D 91 -19.26 2.17 -6.79
CA ALA D 91 -19.47 1.86 -8.20
C ALA D 91 -19.91 0.40 -8.36
N TYR D 92 -21.19 0.19 -8.66
CA TYR D 92 -21.82 -1.14 -8.65
C TYR D 92 -21.14 -2.18 -9.56
N ASN D 93 -20.67 -1.77 -10.72
CA ASN D 93 -20.12 -2.72 -11.68
C ASN D 93 -18.63 -2.50 -11.94
N ALA D 94 -17.95 -2.01 -10.92
CA ALA D 94 -16.52 -1.83 -11.01
C ALA D 94 -15.80 -3.17 -10.80
N ILE D 95 -14.79 -3.44 -11.61
CA ILE D 95 -13.99 -4.64 -11.41
C ILE D 95 -12.62 -4.34 -10.81
N SER D 96 -12.40 -3.09 -10.43
CA SER D 96 -11.15 -2.65 -9.79
C SER D 96 -11.40 -1.56 -8.73
N LYS D 97 -10.47 -1.43 -7.79
CA LYS D 97 -10.53 -0.33 -6.83
C LYS D 97 -10.38 0.98 -7.58
N PRO D 98 -11.04 2.03 -7.09
CA PRO D 98 -10.88 3.35 -7.72
C PRO D 98 -9.51 3.91 -7.39
N GLU D 99 -8.78 4.34 -8.42
CA GLU D 99 -7.49 5.01 -8.21
C GLU D 99 -7.74 6.51 -8.08
N VAL D 100 -7.64 7.06 -6.88
CA VAL D 100 -7.87 8.50 -6.71
C VAL D 100 -6.66 9.32 -7.12
N LEU D 101 -6.85 10.17 -8.11
CA LEU D 101 -5.77 10.88 -8.77
C LEU D 101 -5.44 12.25 -8.15
N THR D 102 -6.30 12.72 -7.25
CA THR D 102 -6.22 14.08 -6.72
C THR D 102 -6.05 14.08 -5.20
N PRO D 103 -5.64 15.23 -4.61
CA PRO D 103 -5.51 15.31 -3.15
C PRO D 103 -6.83 15.02 -2.43
N GLN D 104 -6.77 14.15 -1.43
CA GLN D 104 -7.98 13.72 -0.74
C GLN D 104 -8.47 14.74 0.28
N LEU D 105 -8.87 15.89 -0.26
CA LEU D 105 -9.32 17.02 0.53
C LEU D 105 -10.69 17.45 0.10
N ALA D 106 -11.51 17.88 1.05
CA ALA D 106 -12.81 18.48 0.76
C ALA D 106 -12.86 19.96 1.20
N LEU D 107 -13.65 20.76 0.50
CA LEU D 107 -13.89 22.16 0.89
C LEU D 107 -15.15 22.23 1.73
N VAL D 108 -15.06 22.90 2.87
CA VAL D 108 -16.21 23.07 3.75
C VAL D 108 -16.44 24.54 4.03
N ASN D 109 -17.64 25.06 3.78
CA ASN D 109 -17.92 26.46 4.14
C ASN D 109 -18.60 26.59 5.51
N SER D 110 -18.87 27.83 5.93
CA SER D 110 -19.36 28.08 7.29
C SER D 110 -20.78 27.56 7.60
N SER D 111 -21.57 27.30 6.56
CA SER D 111 -22.92 26.77 6.76
C SER D 111 -22.93 25.24 6.83
N GLY D 112 -21.77 24.62 6.64
CA GLY D 112 -21.65 23.18 6.76
C GLY D 112 -21.63 22.45 5.43
N HIS D 113 -21.62 23.20 4.32
CA HIS D 113 -21.62 22.59 3.00
C HIS D 113 -20.24 22.08 2.58
N VAL D 114 -20.20 20.80 2.26
CA VAL D 114 -18.97 20.11 1.98
C VAL D 114 -18.93 19.78 0.49
N GLN D 115 -17.82 20.13 -0.16
CA GLN D 115 -17.61 19.75 -1.54
C GLN D 115 -16.38 18.86 -1.68
N TYR D 116 -16.55 17.76 -2.38
CA TYR D 116 -15.49 16.79 -2.61
C TYR D 116 -15.51 16.44 -4.09
N LEU D 117 -14.40 16.71 -4.77
CA LEU D 117 -14.37 16.65 -6.23
C LEU D 117 -13.20 15.81 -6.75
N PRO D 118 -13.19 14.51 -6.41
CA PRO D 118 -12.04 13.67 -6.80
C PRO D 118 -11.94 13.33 -8.28
N SER D 119 -10.71 13.20 -8.76
CA SER D 119 -10.46 12.66 -10.08
C SER D 119 -10.11 11.17 -9.92
N ILE D 120 -10.76 10.32 -10.70
CA ILE D 120 -10.62 8.89 -10.48
C ILE D 120 -10.33 8.14 -11.77
N ARG D 121 -9.47 7.12 -11.68
CA ARG D 121 -9.36 6.11 -12.72
C ARG D 121 -9.91 4.80 -12.18
N GLN D 122 -10.75 4.14 -12.96
CA GLN D 122 -11.37 2.90 -12.49
C GLN D 122 -11.79 2.05 -13.71
N ARG D 123 -11.76 0.74 -13.53
CA ARG D 123 -12.19 -0.20 -14.56
C ARG D 123 -13.58 -0.79 -14.25
N PHE D 124 -14.43 -0.88 -15.29
CA PHE D 124 -15.80 -1.37 -15.13
C PHE D 124 -16.11 -2.54 -16.05
N SER D 125 -16.97 -3.43 -15.56
CA SER D 125 -17.53 -4.50 -16.39
C SER D 125 -18.43 -3.84 -17.39
N CYS D 126 -18.30 -4.21 -18.65
CA CYS D 126 -19.15 -3.63 -19.67
C CYS D 126 -19.07 -4.42 -20.99
N ASP D 127 -20.19 -4.54 -21.67
CA ASP D 127 -20.19 -5.12 -23.00
C ASP D 127 -19.69 -4.09 -24.01
N VAL D 128 -18.46 -4.27 -24.47
CA VAL D 128 -17.84 -3.33 -25.41
C VAL D 128 -17.83 -3.86 -26.84
N SER D 129 -18.68 -4.85 -27.11
CA SER D 129 -18.81 -5.47 -28.42
C SER D 129 -18.93 -4.46 -29.55
N GLY D 130 -19.76 -3.45 -29.32
CA GLY D 130 -20.10 -2.50 -30.37
C GLY D 130 -19.08 -1.42 -30.66
N VAL D 131 -17.95 -1.46 -29.95
CA VAL D 131 -16.97 -0.38 -30.02
C VAL D 131 -16.45 -0.07 -31.43
N ASP D 132 -16.51 -1.04 -32.34
CA ASP D 132 -16.05 -0.83 -33.71
C ASP D 132 -17.19 -0.50 -34.67
N THR D 133 -18.42 -0.73 -34.23
CA THR D 133 -19.56 -0.47 -35.08
C THR D 133 -19.97 1.00 -35.00
N GLU D 134 -20.85 1.41 -35.90
CA GLU D 134 -21.32 2.79 -35.93
C GLU D 134 -22.24 3.03 -34.75
N SER D 135 -22.97 1.99 -34.36
CA SER D 135 -23.86 2.06 -33.21
C SER D 135 -23.08 2.34 -31.93
N GLY D 136 -21.82 1.92 -31.92
CA GLY D 136 -20.95 2.14 -30.78
C GLY D 136 -21.21 1.15 -29.67
N ALA D 137 -20.36 1.18 -28.66
CA ALA D 137 -20.56 0.36 -27.46
C ALA D 137 -21.20 1.24 -26.40
N THR D 138 -22.05 0.65 -25.57
CA THR D 138 -22.69 1.41 -24.50
C THR D 138 -22.30 0.86 -23.13
N CYS D 139 -21.82 1.75 -22.26
CA CYS D 139 -21.42 1.37 -20.91
C CYS D 139 -22.22 2.13 -19.87
N LYS D 140 -22.53 1.45 -18.76
CA LYS D 140 -23.32 2.03 -17.69
C LYS D 140 -22.53 2.05 -16.39
N LEU D 141 -22.21 3.25 -15.95
CA LEU D 141 -21.49 3.43 -14.70
C LEU D 141 -22.52 3.71 -13.62
N LYS D 142 -22.78 2.71 -12.78
CA LYS D 142 -23.86 2.83 -11.82
C LYS D 142 -23.33 3.07 -10.39
N PHE D 143 -23.72 4.21 -9.81
CA PHE D 143 -23.28 4.57 -8.46
C PHE D 143 -24.43 4.70 -7.47
N GLY D 144 -24.17 4.35 -6.22
CA GLY D 144 -25.14 4.49 -5.16
C GLY D 144 -24.53 4.26 -3.79
N SER D 145 -25.25 4.64 -2.74
CA SER D 145 -24.80 4.34 -1.40
C SER D 145 -24.78 2.83 -1.16
N TRP D 146 -23.70 2.35 -0.55
CA TRP D 146 -23.56 0.94 -0.28
C TRP D 146 -24.43 0.49 0.92
N THR D 147 -24.62 1.39 1.89
CA THR D 147 -25.27 1.00 3.15
C THR D 147 -26.40 1.93 3.64
N HIS D 148 -26.63 3.06 2.97
CA HIS D 148 -27.71 3.98 3.38
C HIS D 148 -28.87 4.01 2.39
N HIS D 149 -30.08 3.83 2.89
CA HIS D 149 -31.25 3.90 2.01
C HIS D 149 -31.71 5.36 1.87
N SER D 150 -32.66 5.59 0.96
CA SER D 150 -33.20 6.92 0.62
C SER D 150 -33.51 7.84 1.80
N ARG D 151 -34.05 7.27 2.87
CA ARG D 151 -34.47 8.07 4.01
C ARG D 151 -33.31 8.52 4.88
N GLU D 152 -32.09 8.13 4.53
CA GLU D 152 -30.91 8.54 5.26
C GLU D 152 -30.02 9.39 4.35
N LEU D 153 -29.93 8.96 3.10
CA LEU D 153 -29.03 9.58 2.14
C LEU D 153 -29.77 9.75 0.84
N ASP D 154 -30.04 10.99 0.49
CA ASP D 154 -30.91 11.29 -0.63
C ASP D 154 -30.01 11.68 -1.78
N LEU D 155 -29.69 10.70 -2.60
CA LEU D 155 -28.86 10.89 -3.78
C LEU D 155 -29.61 11.70 -4.82
N GLN D 156 -28.99 12.78 -5.29
CA GLN D 156 -29.55 13.58 -6.37
C GLN D 156 -28.50 13.82 -7.46
N MET D 157 -28.96 13.82 -8.71
CA MET D 157 -28.12 14.20 -9.84
C MET D 157 -27.91 15.70 -9.88
N GLN D 158 -26.73 16.12 -10.34
CA GLN D 158 -26.52 17.49 -10.76
C GLN D 158 -26.33 17.42 -12.27
N GLU D 159 -26.53 18.56 -12.95
CA GLU D 159 -26.31 18.63 -14.39
C GLU D 159 -24.86 18.28 -14.69
N ALA D 160 -24.65 17.22 -15.47
CA ALA D 160 -23.31 16.72 -15.74
C ALA D 160 -22.55 17.58 -16.75
N ASP D 161 -21.44 17.03 -17.26
CA ASP D 161 -20.59 17.77 -18.18
C ASP D 161 -19.63 16.84 -18.95
N ILE D 162 -19.47 17.12 -20.24
CA ILE D 162 -18.48 16.42 -21.06
C ILE D 162 -17.56 17.39 -21.81
N SER D 163 -17.58 18.66 -21.41
CA SER D 163 -16.67 19.66 -21.99
C SER D 163 -15.22 19.26 -21.72
N GLY D 164 -15.03 18.44 -20.70
CA GLY D 164 -13.71 17.98 -20.30
C GLY D 164 -13.26 16.66 -20.93
N TYR D 165 -14.05 16.09 -21.83
CA TYR D 165 -13.58 14.91 -22.54
C TYR D 165 -12.45 15.29 -23.49
N ILE D 166 -11.34 14.56 -23.41
CA ILE D 166 -10.16 14.91 -24.21
C ILE D 166 -10.40 14.62 -25.70
N PRO D 167 -10.00 15.56 -26.57
CA PRO D 167 -10.32 15.54 -27.99
C PRO D 167 -9.33 14.77 -28.87
N TYR D 168 -8.30 14.18 -28.27
CA TYR D 168 -7.31 13.45 -29.06
C TYR D 168 -7.33 11.96 -28.72
N SER D 169 -8.36 11.55 -27.98
CA SER D 169 -8.58 10.14 -27.67
C SER D 169 -8.81 9.37 -28.97
N ARG D 170 -8.51 8.08 -28.98
CA ARG D 170 -8.80 7.28 -30.16
C ARG D 170 -10.27 6.89 -30.15
N PHE D 171 -10.90 7.18 -29.02
CA PHE D 171 -12.32 6.92 -28.87
C PHE D 171 -13.13 8.20 -29.02
N GLU D 172 -14.13 8.15 -29.90
CA GLU D 172 -15.05 9.26 -30.06
C GLU D 172 -16.23 9.10 -29.12
N LEU D 173 -16.35 10.04 -28.18
CA LEU D 173 -17.48 10.05 -27.26
C LEU D 173 -18.70 10.51 -28.02
N VAL D 174 -19.72 9.65 -28.07
CA VAL D 174 -20.92 9.94 -28.86
C VAL D 174 -22.02 10.60 -28.05
N GLY D 175 -22.36 9.99 -26.91
CA GLY D 175 -23.42 10.51 -26.06
C GLY D 175 -23.34 10.01 -24.63
N VAL D 176 -23.67 10.89 -23.69
CA VAL D 176 -23.77 10.51 -22.29
C VAL D 176 -25.08 10.99 -21.67
N THR D 177 -25.87 10.06 -21.15
CA THR D 177 -27.07 10.43 -20.40
C THR D 177 -26.93 10.01 -18.94
N GLN D 178 -27.77 10.59 -18.10
CA GLN D 178 -27.80 10.24 -16.70
C GLN D 178 -29.22 10.06 -16.23
N LYS D 179 -29.43 9.19 -15.24
CA LYS D 179 -30.73 9.02 -14.63
C LYS D 179 -30.65 8.59 -13.17
N ARG D 180 -31.44 9.24 -12.32
CA ARG D 180 -31.59 8.81 -10.95
C ARG D 180 -32.75 7.85 -10.86
N SER D 181 -32.49 6.70 -10.26
CA SER D 181 -33.51 5.71 -10.05
C SER D 181 -33.55 5.40 -8.57
N GLU D 182 -34.61 4.73 -8.16
CA GLU D 182 -34.77 4.36 -6.77
C GLU D 182 -35.37 2.96 -6.83
N ARG D 183 -34.64 1.98 -6.31
CA ARG D 183 -35.18 0.63 -6.34
C ARG D 183 -35.19 -0.09 -4.99
N PHE D 184 -36.06 -1.09 -4.90
CA PHE D 184 -36.19 -1.89 -3.71
C PHE D 184 -35.42 -3.19 -3.82
N TYR D 185 -35.32 -3.88 -2.70
CA TYR D 185 -34.66 -5.16 -2.62
C TYR D 185 -35.52 -6.08 -1.76
N GLU D 186 -35.27 -7.39 -1.83
CA GLU D 186 -36.05 -8.33 -1.04
C GLU D 186 -35.63 -8.25 0.44
N CYS D 187 -34.45 -7.70 0.70
CA CYS D 187 -33.97 -7.55 2.08
C CYS D 187 -34.67 -6.42 2.84
N CYS D 188 -34.78 -5.26 2.21
CA CYS D 188 -35.02 -4.03 2.93
C CYS D 188 -36.36 -3.36 2.62
N LYS D 189 -37.07 -2.94 3.66
CA LYS D 189 -38.32 -2.21 3.48
C LYS D 189 -38.09 -0.92 2.70
N GLU D 190 -36.94 -0.29 2.94
CA GLU D 190 -36.63 1.00 2.34
C GLU D 190 -35.79 0.86 1.06
N PRO D 191 -36.10 1.67 0.02
CA PRO D 191 -35.38 1.61 -1.27
C PRO D 191 -34.00 2.26 -1.23
N TYR D 192 -33.18 1.94 -2.23
CA TYR D 192 -31.82 2.48 -2.33
C TYR D 192 -31.62 3.15 -3.68
N PRO D 193 -31.46 4.48 -3.68
CA PRO D 193 -31.35 5.24 -4.92
C PRO D 193 -29.97 5.11 -5.51
N ASP D 194 -29.88 5.28 -6.83
CA ASP D 194 -28.60 5.26 -7.53
C ASP D 194 -28.61 6.25 -8.70
N VAL D 195 -27.44 6.72 -9.07
CA VAL D 195 -27.32 7.54 -10.28
C VAL D 195 -26.52 6.74 -11.29
N THR D 196 -27.04 6.60 -12.50
CA THR D 196 -26.38 5.81 -13.52
C THR D 196 -25.99 6.65 -14.72
N PHE D 197 -24.73 6.55 -15.13
CA PHE D 197 -24.23 7.31 -16.26
C PHE D 197 -24.03 6.39 -17.45
N THR D 198 -24.77 6.64 -18.50
CA THR D 198 -24.73 5.81 -19.69
C THR D 198 -23.89 6.53 -20.71
N VAL D 199 -22.80 5.91 -21.13
CA VAL D 199 -21.96 6.52 -22.15
C VAL D 199 -21.83 5.62 -23.38
N THR D 200 -21.94 6.22 -24.55
CA THR D 200 -21.86 5.51 -25.81
C THR D 200 -20.68 6.05 -26.62
N PHE D 201 -19.76 5.16 -26.98
CA PHE D 201 -18.51 5.60 -27.62
C PHE D 201 -18.12 4.60 -28.69
N ARG D 202 -17.17 4.97 -29.54
CA ARG D 202 -16.72 4.11 -30.62
C ARG D 202 -15.32 4.49 -31.10
N LYS D 203 -14.58 3.51 -31.61
CA LYS D 203 -13.24 3.76 -32.14
C LYS D 203 -13.32 4.70 -33.34
N LYS D 204 -12.45 5.70 -33.38
CA LYS D 204 -12.42 6.64 -34.50
C LYS D 204 -11.76 6.01 -35.72
N GLY D 205 -12.42 6.07 -36.87
CA GLY D 205 -11.88 5.52 -38.09
C GLY D 205 -12.45 6.12 -39.36
N GLY E 1 -26.96 11.76 13.31
CA GLY E 1 -27.94 12.23 14.26
C GLY E 1 -27.43 12.12 15.69
N GLU E 2 -28.08 12.85 16.60
CA GLU E 2 -27.71 12.86 18.01
C GLU E 2 -27.78 11.49 18.65
N PHE E 3 -28.80 10.71 18.33
CA PHE E 3 -28.94 9.42 18.95
C PHE E 3 -27.90 8.45 18.41
N GLN E 4 -27.63 8.51 17.10
CA GLN E 4 -26.54 7.70 16.54
C GLN E 4 -25.18 8.09 17.16
N ARG E 5 -24.95 9.38 17.38
CA ARG E 5 -23.71 9.78 18.05
C ARG E 5 -23.63 9.25 19.49
N LYS E 6 -24.73 9.31 20.23
CA LYS E 6 -24.74 8.77 21.58
C LYS E 6 -24.53 7.24 21.59
N LEU E 7 -25.06 6.55 20.58
CA LEU E 7 -24.97 5.10 20.53
C LEU E 7 -23.54 4.61 20.31
N TYR E 8 -22.83 5.19 19.33
CA TYR E 8 -21.41 4.91 19.13
C TYR E 8 -20.61 5.03 20.43
N LYS E 9 -20.82 6.13 21.14
CA LYS E 9 -20.11 6.38 22.39
C LYS E 9 -20.32 5.23 23.38
N GLU E 10 -21.53 4.68 23.44
CA GLU E 10 -21.79 3.54 24.33
C GLU E 10 -21.19 2.23 23.80
N LEU E 11 -21.39 1.96 22.51
CA LEU E 11 -21.00 0.70 21.91
C LEU E 11 -19.49 0.49 21.87
N VAL E 12 -18.74 1.59 21.82
CA VAL E 12 -17.29 1.51 21.71
C VAL E 12 -16.63 1.23 23.05
N LYS E 13 -17.33 1.56 24.14
CA LYS E 13 -16.82 1.29 25.48
C LYS E 13 -16.47 -0.18 25.65
N ASN E 14 -15.21 -0.43 26.01
CA ASN E 14 -14.68 -1.77 26.20
C ASN E 14 -14.74 -2.70 24.99
N TYR E 15 -15.09 -2.19 23.83
CA TYR E 15 -15.16 -3.08 22.68
C TYR E 15 -13.76 -3.43 22.18
N ASN E 16 -13.50 -4.73 22.02
CA ASN E 16 -12.23 -5.21 21.48
C ASN E 16 -12.47 -5.99 20.19
N PRO E 17 -12.18 -5.36 19.04
CA PRO E 17 -12.48 -6.03 17.77
C PRO E 17 -11.53 -7.21 17.45
N ASP E 18 -10.61 -7.55 18.35
CA ASP E 18 -9.79 -8.73 18.11
C ASP E 18 -10.38 -9.96 18.78
N VAL E 19 -11.40 -9.76 19.60
CA VAL E 19 -11.94 -10.84 20.41
C VAL E 19 -13.27 -11.38 19.84
N ILE E 20 -13.26 -12.67 19.47
CA ILE E 20 -14.45 -13.29 18.93
C ILE E 20 -15.57 -13.25 19.97
N PRO E 21 -16.75 -12.77 19.57
CA PRO E 21 -17.86 -12.57 20.51
C PRO E 21 -18.68 -13.82 20.85
N THR E 22 -18.00 -14.91 21.22
CA THR E 22 -18.67 -16.09 21.69
C THR E 22 -19.38 -15.77 23.01
N GLN E 23 -20.33 -16.63 23.38
CA GLN E 23 -21.02 -16.53 24.66
C GLN E 23 -21.04 -17.89 25.31
N ARG E 24 -20.17 -18.10 26.30
CA ARG E 24 -20.01 -19.37 27.03
C ARG E 24 -20.52 -20.63 26.33
N ASP E 25 -19.58 -21.43 25.81
CA ASP E 25 -19.86 -22.66 25.05
C ASP E 25 -20.36 -22.39 23.62
N ARG E 26 -21.35 -21.50 23.51
CA ARG E 26 -21.95 -21.19 22.22
C ARG E 26 -20.97 -20.57 21.24
N PRO E 27 -20.79 -21.23 20.07
CA PRO E 27 -19.96 -20.61 19.02
C PRO E 27 -20.67 -19.39 18.43
N VAL E 28 -19.90 -18.54 17.76
CA VAL E 28 -20.52 -17.53 16.95
C VAL E 28 -20.84 -18.15 15.62
N THR E 29 -22.13 -18.17 15.28
CA THR E 29 -22.59 -18.67 14.00
C THR E 29 -22.42 -17.65 12.90
N VAL E 30 -21.76 -18.05 11.82
CA VAL E 30 -21.50 -17.16 10.70
C VAL E 30 -22.15 -17.70 9.45
N TYR E 31 -23.03 -16.91 8.87
CA TYR E 31 -23.66 -17.30 7.62
C TYR E 31 -22.86 -16.75 6.45
N PHE E 32 -22.70 -17.58 5.43
CA PHE E 32 -21.78 -17.27 4.34
C PHE E 32 -22.37 -17.73 3.02
N SER E 33 -22.26 -16.89 2.01
CA SER E 33 -22.61 -17.31 0.65
C SER E 33 -21.82 -16.51 -0.37
N LEU E 34 -21.71 -17.07 -1.57
CA LEU E 34 -20.95 -16.44 -2.65
C LEU E 34 -21.79 -16.39 -3.90
N SER E 35 -21.78 -15.25 -4.58
CA SER E 35 -22.40 -15.14 -5.89
C SER E 35 -21.34 -14.71 -6.89
N LEU E 36 -21.27 -15.44 -7.99
CA LEU E 36 -20.29 -15.15 -9.01
C LEU E 36 -20.81 -14.02 -9.88
N LEU E 37 -20.01 -12.96 -9.99
CA LEU E 37 -20.38 -11.86 -10.87
C LEU E 37 -19.75 -12.04 -12.25
N GLN E 38 -18.47 -12.39 -12.27
CA GLN E 38 -17.75 -12.46 -13.53
C GLN E 38 -16.47 -13.28 -13.42
N ILE E 39 -16.23 -14.09 -14.44
CA ILE E 39 -14.94 -14.74 -14.60
C ILE E 39 -14.16 -13.84 -15.54
N MET E 40 -13.15 -13.17 -14.98
CA MET E 40 -12.36 -12.16 -15.71
C MET E 40 -11.37 -12.78 -16.68
N ASP E 41 -10.78 -13.90 -16.28
CA ASP E 41 -9.72 -14.50 -17.06
C ASP E 41 -9.38 -15.92 -16.57
N VAL E 42 -8.78 -16.69 -17.47
CA VAL E 42 -8.25 -17.97 -17.10
C VAL E 42 -6.86 -18.01 -17.68
N ASP E 43 -5.92 -18.49 -16.88
CA ASP E 43 -4.53 -18.60 -17.30
C ASP E 43 -4.27 -20.09 -17.48
N GLU E 44 -4.31 -20.55 -18.73
CA GLU E 44 -4.17 -21.97 -19.00
C GLU E 44 -2.77 -22.51 -18.71
N LYS E 45 -1.75 -21.69 -18.91
CA LYS E 45 -0.37 -22.11 -18.62
C LYS E 45 -0.14 -22.29 -17.11
N ASN E 46 -0.54 -21.32 -16.30
CA ASN E 46 -0.21 -21.35 -14.88
C ASN E 46 -1.31 -21.88 -13.98
N GLN E 47 -2.45 -22.22 -14.58
CA GLN E 47 -3.57 -22.88 -13.89
C GLN E 47 -4.20 -21.97 -12.85
N VAL E 48 -4.77 -20.87 -13.34
CA VAL E 48 -5.30 -19.84 -12.48
C VAL E 48 -6.63 -19.30 -13.03
N VAL E 49 -7.55 -19.01 -12.11
CA VAL E 49 -8.78 -18.37 -12.51
C VAL E 49 -8.90 -17.00 -11.79
N ASP E 50 -9.25 -15.97 -12.56
CA ASP E 50 -9.40 -14.61 -12.04
C ASP E 50 -10.89 -14.32 -11.96
N VAL E 51 -11.43 -14.15 -10.76
CA VAL E 51 -12.89 -13.92 -10.64
C VAL E 51 -13.33 -12.71 -9.82
N VAL E 52 -14.49 -12.15 -10.17
CA VAL E 52 -15.14 -11.14 -9.36
C VAL E 52 -16.40 -11.75 -8.73
N PHE E 53 -16.52 -11.62 -7.41
CA PHE E 53 -17.66 -12.20 -6.71
C PHE E 53 -18.16 -11.36 -5.53
N TRP E 54 -19.36 -11.70 -5.06
CA TRP E 54 -20.03 -10.96 -4.01
C TRP E 54 -20.26 -11.88 -2.82
N LEU E 55 -19.57 -11.62 -1.72
CA LEU E 55 -19.82 -12.37 -0.51
C LEU E 55 -20.94 -11.78 0.30
N GLN E 56 -21.74 -12.67 0.88
CA GLN E 56 -22.66 -12.25 1.91
C GLN E 56 -22.27 -12.97 3.18
N MET E 57 -21.88 -12.19 4.16
N MET E 57 -21.93 -12.18 4.19
CA MET E 57 -21.59 -12.70 5.49
CA MET E 57 -21.56 -12.72 5.49
C MET E 57 -22.55 -12.05 6.46
C MET E 57 -22.33 -12.00 6.58
N SER E 58 -22.89 -12.77 7.52
CA SER E 58 -23.65 -12.20 8.60
C SER E 58 -23.43 -13.05 9.83
N TRP E 59 -23.48 -12.42 11.01
CA TRP E 59 -23.34 -13.11 12.28
C TRP E 59 -23.88 -12.19 13.35
N THR E 60 -24.14 -12.73 14.52
CA THR E 60 -24.53 -11.91 15.64
C THR E 60 -23.38 -11.54 16.58
N ASP E 61 -23.26 -10.26 16.88
CA ASP E 61 -22.27 -9.78 17.85
C ASP E 61 -23.02 -9.22 19.04
N HIS E 62 -23.02 -9.96 20.14
CA HIS E 62 -23.87 -9.60 21.28
C HIS E 62 -23.44 -8.37 22.09
N TYR E 63 -22.25 -7.82 21.82
CA TYR E 63 -21.82 -6.59 22.49
C TYR E 63 -22.30 -5.38 21.68
N LEU E 64 -22.92 -5.64 20.54
CA LEU E 64 -23.33 -4.58 19.63
C LEU E 64 -24.85 -4.39 19.63
N GLN E 65 -25.50 -4.77 20.72
CA GLN E 65 -26.95 -4.64 20.78
C GLN E 65 -27.43 -3.44 21.64
N TRP E 66 -28.63 -2.96 21.40
CA TRP E 66 -29.15 -1.84 22.16
C TRP E 66 -30.66 -1.76 22.24
N ASN E 67 -31.16 -1.10 23.27
CA ASN E 67 -32.55 -0.75 23.39
C ASN E 67 -32.95 0.26 22.36
N VAL E 68 -33.78 -0.11 21.40
CA VAL E 68 -34.23 0.85 20.41
C VAL E 68 -35.02 2.03 21.02
N SER E 69 -35.68 1.81 22.15
CA SER E 69 -36.42 2.93 22.75
C SER E 69 -35.52 3.87 23.55
N GLU E 70 -34.23 3.52 23.65
CA GLU E 70 -33.24 4.41 24.23
C GLU E 70 -32.56 5.24 23.16
N TYR E 71 -32.75 4.84 21.91
CA TYR E 71 -32.20 5.56 20.78
C TYR E 71 -33.25 5.59 19.69
N PRO E 72 -34.35 6.33 19.93
CA PRO E 72 -35.51 6.28 19.03
C PRO E 72 -35.15 6.60 17.58
N GLY E 73 -35.68 5.80 16.67
CA GLY E 73 -35.34 5.94 15.26
C GLY E 73 -34.09 5.21 14.80
N VAL E 74 -33.25 4.78 15.74
CA VAL E 74 -31.99 4.15 15.31
C VAL E 74 -32.14 2.63 15.22
N LYS E 75 -32.44 2.15 14.02
CA LYS E 75 -32.70 0.72 13.80
C LYS E 75 -31.47 -0.05 13.29
N GLN E 76 -30.64 0.59 12.49
CA GLN E 76 -29.37 0.01 12.06
C GLN E 76 -28.33 1.12 11.93
N VAL E 77 -27.06 0.76 12.01
CA VAL E 77 -25.99 1.73 11.78
C VAL E 77 -24.91 1.16 10.86
N SER E 78 -24.22 2.06 10.17
CA SER E 78 -23.13 1.71 9.27
C SER E 78 -21.80 1.86 9.98
N VAL E 79 -21.08 0.74 10.10
CA VAL E 79 -19.83 0.72 10.87
C VAL E 79 -18.66 0.23 10.00
N PRO E 80 -17.55 0.99 10.00
CA PRO E 80 -16.34 0.53 9.30
C PRO E 80 -15.94 -0.84 9.86
N ILE E 81 -15.61 -1.80 9.00
CA ILE E 81 -15.23 -3.13 9.50
C ILE E 81 -13.96 -3.12 10.36
N SER E 82 -13.13 -2.10 10.19
CA SER E 82 -11.91 -1.99 11.00
C SER E 82 -12.21 -1.78 12.48
N SER E 83 -13.45 -1.43 12.79
CA SER E 83 -13.83 -1.14 14.16
C SER E 83 -14.48 -2.32 14.86
N LEU E 84 -14.79 -3.37 14.13
CA LEU E 84 -15.52 -4.50 14.74
C LEU E 84 -14.86 -5.85 14.51
N TRP E 85 -15.21 -6.85 15.30
CA TRP E 85 -14.74 -8.20 15.02
C TRP E 85 -15.34 -8.69 13.72
N VAL E 86 -14.50 -9.20 12.82
CA VAL E 86 -14.98 -9.82 11.58
C VAL E 86 -14.43 -11.23 11.50
N PRO E 87 -15.23 -12.18 10.97
CA PRO E 87 -14.75 -13.54 10.81
C PRO E 87 -13.42 -13.55 10.03
N ASP E 88 -12.47 -14.36 10.48
CA ASP E 88 -11.18 -14.45 9.77
C ASP E 88 -11.26 -15.49 8.62
N LEU E 89 -12.22 -15.31 7.72
CA LEU E 89 -12.38 -16.24 6.61
C LEU E 89 -11.27 -16.13 5.59
N ALA E 90 -10.79 -17.29 5.13
CA ALA E 90 -9.76 -17.32 4.12
C ALA E 90 -10.19 -18.16 2.93
N ALA E 91 -9.71 -17.72 1.77
CA ALA E 91 -9.81 -18.46 0.53
C ALA E 91 -8.64 -19.45 0.47
N TYR E 92 -8.90 -20.70 0.79
CA TYR E 92 -7.82 -21.69 0.97
C TYR E 92 -6.94 -21.86 -0.26
N ASN E 93 -7.48 -21.62 -1.43
CA ASN E 93 -6.72 -21.86 -2.64
C ASN E 93 -6.52 -20.60 -3.49
N ALA E 94 -6.68 -19.44 -2.87
CA ALA E 94 -6.32 -18.20 -3.55
C ALA E 94 -4.81 -18.13 -3.77
N ILE E 95 -4.41 -17.54 -4.89
CA ILE E 95 -3.01 -17.28 -5.13
C ILE E 95 -2.68 -15.78 -5.15
N SER E 96 -3.68 -14.95 -4.85
CA SER E 96 -3.46 -13.51 -4.66
C SER E 96 -4.29 -13.02 -3.47
N LYS E 97 -3.93 -11.85 -2.93
CA LYS E 97 -4.73 -11.20 -1.90
C LYS E 97 -6.08 -10.78 -2.47
N PRO E 98 -7.13 -10.84 -1.64
CA PRO E 98 -8.43 -10.36 -2.16
C PRO E 98 -8.45 -8.86 -2.35
N GLU E 99 -8.82 -8.40 -3.53
CA GLU E 99 -9.04 -6.98 -3.79
C GLU E 99 -10.52 -6.59 -3.52
N VAL E 100 -10.76 -5.87 -2.42
CA VAL E 100 -12.12 -5.43 -2.07
C VAL E 100 -12.56 -4.21 -2.90
N LEU E 101 -13.72 -4.33 -3.54
CA LEU E 101 -14.14 -3.35 -4.55
C LEU E 101 -15.15 -2.33 -4.02
N THR E 102 -15.66 -2.57 -2.81
CA THR E 102 -16.80 -1.83 -2.25
C THR E 102 -16.42 -1.23 -0.90
N PRO E 103 -17.20 -0.28 -0.38
CA PRO E 103 -16.82 0.35 0.88
C PRO E 103 -16.76 -0.66 2.03
N GLN E 104 -15.73 -0.55 2.87
CA GLN E 104 -15.54 -1.54 3.91
C GLN E 104 -16.39 -1.22 5.14
N LEU E 105 -17.70 -1.40 4.96
CA LEU E 105 -18.67 -1.01 5.96
C LEU E 105 -19.55 -2.21 6.20
N ALA E 106 -19.88 -2.48 7.47
CA ALA E 106 -20.92 -3.46 7.79
C ALA E 106 -22.16 -2.76 8.38
N LEU E 107 -23.32 -3.35 8.12
CA LEU E 107 -24.58 -2.92 8.73
C LEU E 107 -24.76 -3.65 10.05
N VAL E 108 -25.25 -2.97 11.08
CA VAL E 108 -25.43 -3.58 12.39
C VAL E 108 -26.79 -3.16 12.92
N ASN E 109 -27.64 -4.12 13.27
CA ASN E 109 -28.89 -3.76 13.88
C ASN E 109 -28.88 -3.88 15.40
N SER E 110 -30.01 -3.51 15.98
CA SER E 110 -30.15 -3.37 17.42
C SER E 110 -30.07 -4.69 18.18
N SER E 111 -30.27 -5.81 17.51
CA SER E 111 -30.10 -7.11 18.19
C SER E 111 -28.69 -7.69 17.98
N GLY E 112 -27.79 -6.88 17.45
CA GLY E 112 -26.41 -7.28 17.31
C GLY E 112 -26.13 -7.99 15.99
N HIS E 113 -27.14 -8.13 15.13
CA HIS E 113 -26.90 -8.77 13.85
C HIS E 113 -26.11 -7.89 12.89
N VAL E 114 -24.99 -8.43 12.42
CA VAL E 114 -24.07 -7.73 11.54
C VAL E 114 -24.14 -8.33 10.15
N GLN E 115 -24.16 -7.48 9.13
CA GLN E 115 -24.06 -7.92 7.74
C GLN E 115 -22.89 -7.22 7.07
N TYR E 116 -22.04 -8.00 6.42
CA TYR E 116 -20.93 -7.47 5.65
C TYR E 116 -20.96 -8.12 4.28
N LEU E 117 -21.05 -7.29 3.25
CA LEU E 117 -21.41 -7.69 1.91
C LEU E 117 -20.42 -7.23 0.85
N PRO E 118 -19.13 -7.56 0.99
CA PRO E 118 -18.15 -7.04 0.05
C PRO E 118 -18.20 -7.70 -1.30
N SER E 119 -18.00 -6.90 -2.33
CA SER E 119 -17.64 -7.39 -3.64
C SER E 119 -16.10 -7.47 -3.72
N ILE E 120 -15.62 -8.56 -4.29
CA ILE E 120 -14.22 -8.93 -4.20
C ILE E 120 -13.74 -9.47 -5.53
N ARG E 121 -12.52 -9.07 -5.91
CA ARG E 121 -11.79 -9.68 -7.01
C ARG E 121 -10.56 -10.43 -6.48
N GLN E 122 -10.30 -11.60 -7.05
CA GLN E 122 -9.32 -12.50 -6.51
C GLN E 122 -9.04 -13.66 -7.46
N ARG E 123 -7.79 -14.12 -7.44
CA ARG E 123 -7.36 -15.16 -8.32
C ARG E 123 -7.15 -16.43 -7.52
N PHE E 124 -7.51 -17.56 -8.15
CA PHE E 124 -7.47 -18.84 -7.48
C PHE E 124 -6.74 -19.87 -8.32
N SER E 125 -6.10 -20.82 -7.63
CA SER E 125 -5.52 -21.97 -8.28
C SER E 125 -6.64 -22.90 -8.77
N CYS E 126 -6.57 -23.26 -10.04
CA CYS E 126 -7.61 -24.08 -10.63
C CYS E 126 -7.12 -24.76 -11.90
N ASP E 127 -7.51 -26.01 -12.09
CA ASP E 127 -7.26 -26.71 -13.35
C ASP E 127 -8.27 -26.25 -14.40
N VAL E 128 -7.83 -25.38 -15.31
CA VAL E 128 -8.72 -24.82 -16.31
C VAL E 128 -8.50 -25.41 -17.68
N SER E 129 -7.76 -26.50 -17.75
CA SER E 129 -7.37 -27.10 -19.03
C SER E 129 -8.56 -27.44 -19.96
N GLY E 130 -9.69 -27.85 -19.38
CA GLY E 130 -10.85 -28.21 -20.18
C GLY E 130 -11.85 -27.08 -20.37
N VAL E 131 -11.37 -25.83 -20.29
CA VAL E 131 -12.26 -24.67 -20.45
C VAL E 131 -12.87 -24.60 -21.84
N ASP E 132 -12.15 -25.13 -22.83
CA ASP E 132 -12.63 -25.09 -24.21
C ASP E 132 -13.38 -26.34 -24.64
N THR E 133 -13.63 -27.27 -23.72
CA THR E 133 -14.45 -28.44 -24.03
C THR E 133 -15.89 -28.23 -23.58
N GLU E 134 -16.80 -29.06 -24.07
CA GLU E 134 -18.21 -28.94 -23.69
C GLU E 134 -18.45 -29.29 -22.22
N SER E 135 -17.62 -30.17 -21.67
CA SER E 135 -17.69 -30.49 -20.25
C SER E 135 -17.20 -29.30 -19.40
N GLY E 136 -16.30 -28.49 -19.96
CA GLY E 136 -15.79 -27.30 -19.31
C GLY E 136 -14.78 -27.57 -18.20
N ALA E 137 -14.35 -26.51 -17.53
CA ALA E 137 -13.42 -26.66 -16.42
C ALA E 137 -14.16 -26.46 -15.12
N THR E 138 -13.73 -27.14 -14.08
CA THR E 138 -14.31 -26.99 -12.76
C THR E 138 -13.36 -26.34 -11.76
N CYS E 139 -13.79 -25.25 -11.13
CA CYS E 139 -13.01 -24.60 -10.09
C CYS E 139 -13.70 -24.70 -8.74
N LYS E 140 -12.93 -25.09 -7.72
CA LYS E 140 -13.41 -25.09 -6.35
C LYS E 140 -12.87 -23.89 -5.59
N LEU E 141 -13.78 -23.07 -5.08
CA LEU E 141 -13.41 -21.92 -4.27
C LEU E 141 -13.78 -22.26 -2.84
N LYS E 142 -12.78 -22.63 -2.05
CA LYS E 142 -13.01 -23.14 -0.72
C LYS E 142 -12.74 -22.07 0.33
N PHE E 143 -13.70 -21.86 1.24
CA PHE E 143 -13.54 -20.86 2.29
C PHE E 143 -13.80 -21.44 3.67
N GLY E 144 -13.05 -20.94 4.65
CA GLY E 144 -13.20 -21.29 6.04
C GLY E 144 -12.41 -20.36 6.94
N SER E 145 -12.63 -20.47 8.24
CA SER E 145 -11.89 -19.68 9.21
C SER E 145 -10.44 -20.16 9.26
N TRP E 146 -9.51 -19.23 9.41
CA TRP E 146 -8.11 -19.60 9.40
C TRP E 146 -7.63 -20.07 10.79
N THR E 147 -8.26 -19.56 11.85
CA THR E 147 -7.81 -19.87 13.21
C THR E 147 -8.91 -20.33 14.15
N HIS E 148 -10.18 -20.26 13.73
CA HIS E 148 -11.27 -20.73 14.59
C HIS E 148 -11.89 -22.06 14.19
N HIS E 149 -11.96 -22.99 15.15
CA HIS E 149 -12.65 -24.25 14.88
C HIS E 149 -14.18 -24.21 15.11
N SER E 150 -14.81 -25.34 14.82
CA SER E 150 -16.27 -25.54 14.87
C SER E 150 -16.97 -25.03 16.12
N ARG E 151 -16.38 -25.27 17.28
CA ARG E 151 -17.03 -24.88 18.52
C ARG E 151 -16.83 -23.39 18.88
N GLU E 152 -16.13 -22.63 18.04
CA GLU E 152 -15.96 -21.18 18.26
C GLU E 152 -16.63 -20.37 17.16
N LEU E 153 -16.50 -20.84 15.93
CA LEU E 153 -17.04 -20.18 14.76
C LEU E 153 -17.75 -21.22 13.92
N ASP E 154 -19.09 -21.17 13.95
CA ASP E 154 -19.92 -22.14 13.26
C ASP E 154 -20.33 -21.60 11.89
N LEU E 155 -19.57 -22.01 10.86
CA LEU E 155 -19.84 -21.58 9.49
C LEU E 155 -20.99 -22.35 8.91
N GLN E 156 -21.95 -21.62 8.37
CA GLN E 156 -23.13 -22.20 7.73
C GLN E 156 -23.28 -21.50 6.39
N MET E 157 -23.97 -22.13 5.44
CA MET E 157 -24.26 -21.46 4.17
C MET E 157 -25.63 -20.83 4.17
N GLN E 158 -25.80 -19.81 3.34
CA GLN E 158 -27.13 -19.38 2.88
C GLN E 158 -27.15 -19.74 1.40
N GLU E 159 -28.33 -19.96 0.83
CA GLU E 159 -28.41 -20.56 -0.51
C GLU E 159 -27.85 -19.65 -1.61
N ALA E 160 -27.43 -20.27 -2.71
CA ALA E 160 -26.77 -19.56 -3.81
C ALA E 160 -27.70 -18.72 -4.67
N ASP E 161 -27.16 -18.23 -5.78
CA ASP E 161 -27.89 -17.46 -6.77
C ASP E 161 -26.86 -17.20 -7.86
N ILE E 162 -27.25 -17.37 -9.11
CA ILE E 162 -26.34 -17.13 -10.22
C ILE E 162 -26.89 -16.02 -11.08
N SER E 163 -27.88 -15.33 -10.54
CA SER E 163 -28.61 -14.32 -11.30
C SER E 163 -27.80 -13.04 -11.44
N GLY E 164 -26.79 -12.87 -10.59
CA GLY E 164 -25.87 -11.77 -10.72
C GLY E 164 -24.76 -11.99 -11.73
N TYR E 165 -24.69 -13.18 -12.31
CA TYR E 165 -23.63 -13.49 -13.27
C TYR E 165 -23.80 -12.69 -14.55
N ILE E 166 -22.78 -11.92 -14.95
CA ILE E 166 -22.94 -11.08 -16.13
C ILE E 166 -23.14 -11.92 -17.38
N PRO E 167 -24.11 -11.53 -18.21
CA PRO E 167 -24.53 -12.36 -19.35
C PRO E 167 -23.73 -12.10 -20.61
N TYR E 168 -22.87 -11.08 -20.63
CA TYR E 168 -22.13 -10.76 -21.85
C TYR E 168 -20.67 -11.24 -21.78
N SER E 169 -20.40 -12.13 -20.82
CA SER E 169 -19.09 -12.74 -20.63
C SER E 169 -18.75 -13.69 -21.78
N ARG E 170 -17.47 -14.04 -21.92
CA ARG E 170 -17.07 -15.03 -22.92
C ARG E 170 -17.10 -16.45 -22.34
N PHE E 171 -17.37 -16.52 -21.04
CA PHE E 171 -17.55 -17.80 -20.37
C PHE E 171 -19.01 -18.10 -20.02
N GLU E 172 -19.41 -19.36 -20.21
CA GLU E 172 -20.78 -19.79 -19.96
C GLU E 172 -20.79 -20.71 -18.74
N LEU E 173 -21.72 -20.51 -17.81
CA LEU E 173 -21.83 -21.36 -16.63
C LEU E 173 -22.49 -22.69 -16.97
N VAL E 174 -21.87 -23.80 -16.59
CA VAL E 174 -22.36 -25.13 -16.93
C VAL E 174 -22.95 -25.81 -15.69
N GLY E 175 -22.41 -25.44 -14.54
CA GLY E 175 -22.86 -25.98 -13.28
C GLY E 175 -22.33 -25.17 -12.12
N VAL E 176 -23.13 -25.09 -11.05
CA VAL E 176 -22.71 -24.45 -9.82
C VAL E 176 -23.23 -25.24 -8.63
N THR E 177 -22.36 -25.47 -7.65
CA THR E 177 -22.78 -26.00 -6.35
C THR E 177 -22.07 -25.32 -5.18
N GLN E 178 -22.76 -25.22 -4.04
CA GLN E 178 -22.09 -24.82 -2.81
C GLN E 178 -22.52 -25.65 -1.61
N LYS E 179 -21.55 -26.33 -0.99
CA LYS E 179 -21.81 -27.20 0.15
C LYS E 179 -20.92 -26.90 1.36
N ARG E 180 -21.45 -27.14 2.55
CA ARG E 180 -20.70 -27.02 3.79
C ARG E 180 -20.20 -28.38 4.23
N SER E 181 -18.90 -28.49 4.46
CA SER E 181 -18.33 -29.73 4.99
C SER E 181 -17.66 -29.43 6.33
N GLU E 182 -17.24 -30.48 7.01
CA GLU E 182 -16.60 -30.34 8.30
C GLU E 182 -15.50 -31.37 8.35
N ARG E 183 -14.24 -30.92 8.36
CA ARG E 183 -13.15 -31.89 8.27
C ARG E 183 -12.09 -31.71 9.34
N PHE E 184 -11.32 -32.77 9.58
CA PHE E 184 -10.18 -32.70 10.50
C PHE E 184 -8.88 -32.34 9.78
N TYR E 185 -7.98 -31.67 10.49
CA TYR E 185 -6.65 -31.42 9.96
C TYR E 185 -5.63 -32.03 10.90
N GLU E 186 -4.41 -32.26 10.38
CA GLU E 186 -3.38 -32.93 11.17
C GLU E 186 -3.10 -32.24 12.49
N CYS E 187 -3.26 -30.92 12.51
CA CYS E 187 -2.98 -30.14 13.70
C CYS E 187 -3.88 -30.46 14.90
N CYS E 188 -5.19 -30.35 14.70
CA CYS E 188 -6.09 -30.05 15.82
C CYS E 188 -7.08 -31.14 16.21
N LYS E 189 -7.52 -31.09 17.46
CA LYS E 189 -8.45 -32.08 17.97
C LYS E 189 -9.85 -31.75 17.47
N GLU E 190 -10.03 -30.50 17.06
CA GLU E 190 -11.33 -29.98 16.71
C GLU E 190 -11.49 -29.89 15.21
N PRO E 191 -12.68 -30.22 14.71
CA PRO E 191 -12.96 -30.07 13.28
C PRO E 191 -13.14 -28.60 12.89
N TYR E 192 -12.92 -28.30 11.61
CA TYR E 192 -13.01 -26.97 11.07
C TYR E 192 -13.98 -27.05 9.89
N PRO E 193 -15.01 -26.20 9.88
CA PRO E 193 -15.93 -26.24 8.75
C PRO E 193 -15.43 -25.42 7.60
N ASP E 194 -15.95 -25.68 6.41
CA ASP E 194 -15.66 -24.84 5.25
C ASP E 194 -16.87 -24.82 4.34
N VAL E 195 -16.94 -23.82 3.48
CA VAL E 195 -17.96 -23.76 2.46
C VAL E 195 -17.25 -23.70 1.12
N THR E 196 -17.68 -24.56 0.21
CA THR E 196 -17.03 -24.67 -1.07
C THR E 196 -18.01 -24.40 -2.17
N PHE E 197 -17.59 -23.52 -3.06
CA PHE E 197 -18.34 -23.08 -4.21
C PHE E 197 -17.65 -23.71 -5.41
N THR E 198 -18.36 -24.57 -6.10
CA THR E 198 -17.77 -25.33 -7.20
C THR E 198 -18.42 -24.84 -8.47
N VAL E 199 -17.65 -24.18 -9.31
CA VAL E 199 -18.23 -23.67 -10.54
C VAL E 199 -17.64 -24.40 -11.74
N THR E 200 -18.53 -24.81 -12.64
CA THR E 200 -18.12 -25.38 -13.90
C THR E 200 -18.56 -24.46 -15.02
N PHE E 201 -17.63 -24.18 -15.92
CA PHE E 201 -17.82 -23.14 -16.91
C PHE E 201 -16.96 -23.46 -18.13
N ARG E 202 -17.29 -22.85 -19.26
CA ARG E 202 -16.64 -23.14 -20.50
C ARG E 202 -16.69 -21.94 -21.44
N LYS E 203 -15.79 -21.91 -22.41
CA LYS E 203 -15.78 -20.85 -23.41
C LYS E 203 -17.00 -21.00 -24.30
N LYS E 204 -17.70 -19.90 -24.56
CA LYS E 204 -18.81 -19.92 -25.51
C LYS E 204 -18.28 -20.06 -26.92
N GLY E 205 -18.99 -20.79 -27.78
CA GLY E 205 -18.58 -20.93 -29.16
C GLY E 205 -18.53 -22.37 -29.66
C1 NAG F . 0.81 -25.45 24.06
C2 NAG F . 0.64 -26.51 25.12
C3 NAG F . 1.97 -27.21 25.37
C4 NAG F . 2.50 -27.72 24.03
C5 NAG F . 2.63 -26.57 23.06
C6 NAG F . 3.27 -27.07 21.77
C7 NAG F . -1.04 -26.40 26.90
C8 NAG F . -1.37 -25.98 28.30
N2 NAG F . 0.10 -25.95 26.36
O3 NAG F . 1.77 -28.28 26.28
O4 NAG F . 3.77 -28.26 24.17
O5 NAG F . 1.34 -26.01 22.87
O6 NAG F . 2.52 -28.15 21.24
O7 NAG F . -1.82 -27.13 26.29
C1 NAG F . 4.22 -29.62 24.22
C2 NAG F . 5.73 -29.66 24.02
C3 NAG F . 6.27 -31.07 24.24
C4 NAG F . 5.67 -31.67 25.51
C5 NAG F . 4.16 -31.50 25.49
C6 NAG F . 3.44 -32.20 26.63
C7 NAG F . 6.82 -27.98 22.66
C8 NAG F . 7.22 -27.47 21.29
N2 NAG F . 6.11 -29.11 22.72
O3 NAG F . 7.67 -30.98 24.33
O4 NAG F . 5.98 -33.04 25.64
O5 NAG F . 3.91 -30.12 25.49
O6 NAG F . 3.64 -31.50 27.84
O7 NAG F . 7.17 -27.34 23.67
C1 BMA F . 7.22 -33.46 26.23
C2 BMA F . 6.67 -34.82 26.67
C3 BMA F . 7.58 -35.47 27.70
C4 BMA F . 9.06 -35.40 27.28
C5 BMA F . 9.48 -34.01 26.82
C6 BMA F . 9.96 -33.99 25.36
O2 BMA F . 6.58 -35.69 25.54
O3 BMA F . 7.21 -36.84 27.84
O4 BMA F . 9.85 -35.80 28.40
O5 BMA F . 8.38 -33.10 26.97
O6 BMA F . 11.03 -33.06 25.16
C1 BMA F . 6.42 -36.71 29.04
C2 BMA F . 5.00 -36.56 29.61
C3 BMA F . 4.08 -37.67 29.11
C4 BMA F . 4.94 -38.79 28.54
C5 BMA F . 6.05 -38.99 29.58
C6 BMA F . 6.70 -40.36 29.48
O2 BMA F . 4.45 -35.28 29.29
O3 BMA F . 3.22 -37.19 28.10
O4 BMA F . 4.20 -39.94 28.25
O5 BMA F . 7.00 -37.96 29.40
O6 BMA F . 6.58 -40.81 28.14
C1 NAG G . 29.94 -1.88 18.94
C2 NAG G . 31.20 -2.36 19.69
C3 NAG G . 32.52 -1.91 19.10
C4 NAG G . 32.49 -1.89 17.57
C5 NAG G . 31.24 -1.16 17.10
C6 NAG G . 31.22 -1.06 15.58
C7 NAG G . 30.95 -2.71 22.09
C8 NAG G . 30.46 -2.07 23.35
N2 NAG G . 31.14 -1.88 21.06
O3 NAG G . 33.52 -2.81 19.53
O4 NAG G . 33.65 -1.27 17.06
O5 NAG G . 30.10 -1.87 17.53
O6 NAG G . 31.42 -2.35 15.05
O7 NAG G . 31.17 -3.92 22.04
C1 NAG G . 34.81 -1.72 16.34
C2 NAG G . 35.49 -0.38 16.08
C3 NAG G . 36.92 -0.49 15.54
C4 NAG G . 37.70 -1.68 16.13
C5 NAG G . 36.84 -2.93 16.21
C6 NAG G . 37.61 -4.09 16.85
C7 NAG G . 34.11 1.54 15.40
C8 NAG G . 33.35 2.19 14.28
N2 NAG G . 34.67 0.37 15.12
O3 NAG G . 37.62 0.69 15.86
O4 NAG G . 38.85 -1.93 15.35
O5 NAG G . 35.68 -2.65 16.96
O6 NAG G . 38.27 -3.64 18.01
O7 NAG G . 34.19 2.10 16.50
C1 NAG H . 15.65 30.88 4.83
C2 NAG H . 16.61 32.04 5.00
C3 NAG H . 16.21 33.23 4.13
C4 NAG H . 16.03 32.78 2.69
C5 NAG H . 15.10 31.55 2.60
C6 NAG H . 15.08 31.01 1.17
C7 NAG H . 17.76 32.36 7.11
C8 NAG H . 17.62 32.59 8.58
N2 NAG H . 16.64 32.43 6.39
O3 NAG H . 17.23 34.22 4.20
O4 NAG H . 15.51 33.83 1.90
O5 NAG H . 15.52 30.52 3.47
O6 NAG H . 16.40 30.80 0.72
O7 NAG H . 18.86 32.14 6.61
C1 NAG H . 16.25 34.59 0.91
C2 NAG H . 15.35 35.27 -0.12
C3 NAG H . 16.06 35.33 -1.47
C4 NAG H . 17.37 36.08 -1.30
C5 NAG H . 18.19 35.53 -0.14
C6 NAG H . 19.36 36.48 0.17
C7 NAG H . 12.95 35.27 0.11
C8 NAG H . 12.74 36.64 -0.49
N2 NAG H . 14.05 34.62 -0.24
O3 NAG H . 15.24 35.98 -2.41
O4 NAG H . 18.14 36.02 -2.50
O5 NAG H . 17.43 35.35 1.05
O6 NAG H . 19.62 36.47 1.55
O7 NAG H . 12.14 34.80 0.91
C1 NAG I . -22.09 27.18 1.29
C2 NAG I . -22.77 28.55 1.27
C3 NAG I . -24.19 28.47 0.72
C4 NAG I . -24.23 27.66 -0.58
C5 NAG I . -23.48 26.33 -0.43
C6 NAG I . -23.41 25.60 -1.76
C7 NAG I . -22.37 30.32 2.88
C8 NAG I . -22.21 30.67 4.33
N2 NAG I . -22.80 29.08 2.61
O3 NAG I . -24.68 29.77 0.46
O4 NAG I . -25.57 27.43 -0.93
O5 NAG I . -22.17 26.57 0.02
O6 NAG I . -22.89 26.49 -2.72
O7 NAG I . -22.12 31.13 1.99
C1 NAG I . -25.83 28.09 -2.18
C2 NAG I . -27.04 27.36 -2.79
C3 NAG I . -27.54 28.06 -4.05
C4 NAG I . -27.60 29.57 -3.90
C5 NAG I . -26.29 30.10 -3.31
C6 NAG I . -26.34 31.62 -3.10
C7 NAG I . -27.11 24.96 -2.35
C8 NAG I . -26.61 23.60 -2.77
N2 NAG I . -26.68 25.98 -3.08
O3 NAG I . -28.83 27.58 -4.37
O4 NAG I . -27.85 30.17 -5.15
O5 NAG I . -26.03 29.48 -2.08
O6 NAG I . -25.26 32.01 -2.28
O7 NAG I . -27.88 25.08 -1.40
C1 NAG J . -31.69 -7.86 13.22
C2 NAG J . -33.13 -8.05 13.68
C3 NAG J . -33.51 -9.51 13.77
C4 NAG J . -33.10 -10.26 12.53
C5 NAG J . -31.65 -10.01 12.19
C6 NAG J . -31.38 -10.66 10.84
C7 NAG J . -34.21 -6.42 15.04
C8 NAG J . -34.54 -5.91 16.41
N2 NAG J . -33.31 -7.39 14.96
O3 NAG J . -34.91 -9.65 13.93
O4 NAG J . -33.28 -11.64 12.71
O5 NAG J . -31.43 -8.62 12.05
O6 NAG J . -32.18 -9.99 9.90
O7 NAG J . -34.74 -5.95 14.03
C1 NAG J . -33.62 -12.96 13.17
C2 NAG J . -32.99 -14.12 12.39
C3 NAG J . -33.34 -13.93 10.92
C4 NAG J . -34.87 -13.96 10.78
C5 NAG J . -35.54 -12.92 11.68
C6 NAG J . -37.04 -13.20 11.71
C7 NAG J . -30.91 -14.62 13.62
C8 NAG J . -29.47 -15.03 13.43
N2 NAG J . -31.55 -14.19 12.53
O3 NAG J . -32.72 -14.92 10.15
O4 NAG J . -35.23 -13.71 9.45
O5 NAG J . -35.03 -12.88 13.00
O6 NAG J . -37.61 -12.70 12.89
O7 NAG J . -31.43 -14.68 14.73
O1 L0B K . 26.13 -10.15 7.57
C3 L0B K . 25.85 -9.59 8.62
C21 L0B K . 21.99 -11.32 0.55
C10 L0B K . 22.40 -10.25 1.36
C19 L0B K . 23.02 -10.52 2.59
C17 L0B K . 23.25 -11.83 3.02
C18 L0B K . 22.83 -12.88 2.19
C20 L0B K . 22.21 -12.62 0.97
C14 L0B K . 22.79 -12.24 5.39
C11 L0B K . 23.22 -12.43 6.84
C13 L0B K . 21.98 -12.87 7.63
C15 L0B K . 22.30 -13.08 9.10
C12 L0B K . 22.93 -11.81 9.68
C9 L0B K . 24.14 -11.38 8.86
N1 L0B K . 23.78 -11.19 7.44
C22 L0B K . 22.83 -10.06 7.33
C8 L0B K . 24.68 -10.07 9.43
C16 L0B K . 23.89 -12.10 4.33
O2 L0B K . 24.77 -11.02 4.67
C4 L0B K . 27.55 -7.79 8.24
C1 L0B K . 26.67 -8.42 9.10
C2 L0B K . 26.52 -7.98 10.42
C5 L0B K . 27.25 -6.89 10.87
C6 L0B K . 28.14 -6.25 10.00
C7 L0B K . 28.29 -6.70 8.68
C1 GOL L . 10.71 -10.43 -11.04
O1 GOL L . 9.69 -9.54 -10.66
C2 GOL L . 10.57 -10.86 -12.49
O2 GOL L . 10.37 -12.26 -12.54
C3 GOL L . 11.85 -10.48 -13.24
O3 GOL L . 11.83 -9.09 -13.50
C1 GOL M . 7.15 -8.16 16.12
O1 GOL M . 8.32 -8.35 15.34
C2 GOL M . 5.95 -7.63 15.31
O2 GOL M . 5.03 -8.70 15.12
C3 GOL M . 5.22 -6.50 16.04
O3 GOL M . 5.81 -5.22 15.84
O1 TLA N . 15.59 1.78 21.23
O11 TLA N . 14.02 0.27 20.99
C1 TLA N . 14.38 1.47 21.11
C2 TLA N . 13.36 2.56 21.12
O2 TLA N . 12.08 2.02 21.19
C3 TLA N . 13.47 3.40 19.90
O3 TLA N . 12.34 4.18 19.76
C4 TLA N . 14.66 4.29 20.03
O4 TLA N . 15.55 4.32 19.15
O41 TLA N . 14.75 5.02 21.06
C1 GOL O . 14.34 7.40 10.92
O1 GOL O . 14.45 8.63 10.26
C2 GOL O . 13.02 6.65 10.63
O2 GOL O . 13.24 5.30 10.27
C3 GOL O . 12.03 6.78 11.80
O3 GOL O . 10.99 7.68 11.46
O1 L0B P . 19.40 20.82 -4.67
C3 L0B P . 19.01 21.04 -3.53
C21 L0B P . 17.26 14.52 -8.98
C10 L0B P . 16.92 15.81 -8.56
C19 L0B P . 17.82 16.56 -7.81
C17 L0B P . 19.07 16.04 -7.48
C18 L0B P . 19.39 14.76 -7.90
C20 L0B P . 18.50 14.00 -8.64
C14 L0B P . 20.19 16.18 -5.29
C11 L0B P . 20.76 17.09 -4.19
C13 L0B P . 21.04 16.22 -2.98
C15 L0B P . 21.62 17.08 -1.86
C12 L0B P . 20.67 18.22 -1.54
C9 L0B P . 20.34 19.03 -2.79
N1 L0B P . 19.79 18.14 -3.83
C22 L0B P . 18.54 17.53 -3.34
C8 L0B P . 19.28 20.06 -2.40
C16 L0B P . 20.04 16.83 -6.67
O2 L0B P . 19.60 18.20 -6.53
C4 L0B P . 17.61 23.02 -4.22
C1 L0B P . 18.25 22.30 -3.21
C2 L0B P . 18.16 22.73 -1.88
C5 L0B P . 17.45 23.89 -1.59
C6 L0B P . 16.83 24.62 -2.60
C7 L0B P . 16.91 24.18 -3.91
O1 L0B Q . -14.33 23.31 -10.24
C3 L0B Q . -14.50 23.59 -9.05
C21 L0B Q . -10.09 17.44 -13.88
C10 L0B Q . -11.12 17.58 -12.96
C19 L0B Q . -11.44 18.85 -12.46
C17 L0B Q . -10.73 19.99 -12.88
C18 L0B Q . -9.70 19.82 -13.80
C20 L0B Q . -9.38 18.56 -14.29
C14 L0B Q . -10.16 21.61 -11.13
C11 L0B Q . -10.47 22.87 -10.31
C13 L0B Q . -9.31 23.10 -9.34
C15 L0B Q . -9.54 24.35 -8.49
C12 L0B Q . -10.91 24.27 -7.81
C9 L0B Q . -12.00 24.02 -8.85
N1 L0B Q . -11.74 22.76 -9.57
C22 L0B Q . -11.69 21.62 -8.63
C8 L0B Q . -13.35 23.98 -8.14
C16 L0B Q . -11.06 21.33 -12.33
O2 L0B Q . -12.45 21.38 -11.94
C4 L0B Q . -16.96 23.12 -9.24
C1 L0B Q . -15.87 23.52 -8.45
C2 L0B Q . -16.06 23.82 -7.11
C5 L0B Q . -17.34 23.74 -6.56
C6 L0B Q . -18.42 23.35 -7.33
C7 L0B Q . -18.23 23.04 -8.68
O1 L0B R . -28.43 -5.83 -1.21
C3 L0B R . -28.38 -5.49 -0.03
C21 L0B R . -22.78 -6.21 -6.91
C10 L0B R . -23.12 -6.80 -5.70
C19 L0B R . -24.21 -6.35 -4.99
C17 L0B R . -24.99 -5.31 -5.50
C18 L0B R . -24.65 -4.73 -6.72
C20 L0B R . -23.53 -5.18 -7.43
C14 L0B R . -25.77 -3.52 -4.02
C11 L0B R . -26.87 -2.99 -3.09
C13 L0B R . -26.64 -1.51 -2.81
C15 L0B R . -27.74 -0.98 -1.89
C12 L0B R . -27.76 -1.78 -0.59
C9 L0B R . -27.99 -3.25 -0.94
N1 L0B R . -26.90 -3.75 -1.82
C22 L0B R . -25.60 -3.66 -1.15
C8 L0B R . -28.05 -4.07 0.34
C16 L0B R . -26.17 -4.81 -4.73
O2 L0B R . -26.59 -5.77 -3.75
C4 L0B R . -28.65 -7.86 0.76
C1 L0B R . -28.62 -6.49 1.06
C2 L0B R . -28.77 -6.05 2.37
C5 L0B R . -28.99 -6.98 3.38
C6 L0B R . -29.03 -8.34 3.09
C7 L0B R . -28.85 -8.78 1.77
C1 GOL S . -15.93 9.07 6.47
O1 GOL S . -16.89 8.12 6.05
C2 GOL S . -14.47 8.66 6.30
O2 GOL S . -13.88 9.33 5.20
C3 GOL S . -13.69 9.03 7.57
O3 GOL S . -13.00 7.92 8.13
O1 L0B T . -3.57 -25.99 10.17
C3 L0B T . -3.88 -25.36 11.18
C21 L0B T . -3.06 -23.85 2.32
C10 L0B T . -2.37 -24.20 3.48
C19 L0B T . -3.03 -24.84 4.52
C17 L0B T . -4.40 -25.15 4.41
C18 L0B T . -5.08 -24.79 3.25
C20 L0B T . -4.42 -24.15 2.21
C14 L0B T . -5.74 -24.68 6.33
C11 L0B T . -6.38 -25.03 7.68
C13 L0B T . -7.61 -24.14 7.82
C15 L0B T . -8.33 -24.46 9.12
C12 L0B T . -7.38 -24.24 10.29
C9 L0B T . -6.07 -25.00 10.10
N1 L0B T . -5.45 -24.74 8.79
C22 L0B T . -5.06 -23.32 8.71
C8 L0B T . -5.14 -24.54 11.20
C16 L0B T . -5.10 -25.81 5.53
O2 L0B T . -4.17 -26.50 6.34
C4 L0B T . -1.70 -25.88 12.32
C1 L0B T . -3.02 -25.44 12.41
C2 L0B T . -3.56 -25.06 13.64
C5 L0B T . -2.76 -25.13 14.79
C6 L0B T . -1.45 -25.58 14.69
C7 L0B T . -0.91 -25.96 13.46
C1 GOL U . -11.58 -7.64 13.21
O1 GOL U . -10.61 -8.68 13.25
C2 GOL U . -11.11 -6.39 12.44
O2 GOL U . -12.05 -6.02 11.44
C3 GOL U . -10.83 -5.21 13.37
O3 GOL U . -9.44 -4.96 13.50
C01 FHV V . -24.25 5.25 15.14
C02 FHV V . -22.96 4.66 14.73
C03 FHV V . -22.43 5.01 13.49
C04 FHV V . -21.25 4.46 13.11
C05 FHV V . -20.58 3.51 14.01
C06 FHV V . -21.11 3.15 15.21
N07 FHV V . -20.45 2.18 16.13
C08 FHV V . -19.04 1.83 16.08
O09 FHV V . -18.26 2.34 15.23
N10 FHV V . -18.43 0.85 17.05
C11 FHV V . -17.06 0.49 17.03
C12 FHV V . -16.88 -0.64 17.98
C13 FHV V . -18.24 -0.97 18.52
C14 FHV V . -19.10 0.13 18.11
C15 FHV V . -22.32 3.73 15.60
#